data_7OZK
#
_entry.id   7OZK
#
_cell.length_a   1.00
_cell.length_b   1.00
_cell.length_c   1.00
_cell.angle_alpha   90.00
_cell.angle_beta   90.00
_cell.angle_gamma   90.00
#
_symmetry.space_group_name_H-M   'P 1'
#
loop_
_entity.id
_entity.type
_entity.pdbx_description
1 polymer 'Capsid protein VP1'
2 polymer 'Capsid protein VP2'
3 polymer 'Capsid protein VP3'
4 polymer 'Capsid protein VP4'
5 non-polymer 3-{3,5-DIMETHYL-4-[3-(3-METHYL-ISOXAZOL-5-YL)-PROPOXY]-PHENYL}-5-TRIFLUOROMETHYL-[1,2,4]OXADIAZOLE
6 water water
#
loop_
_entity_poly.entity_id
_entity_poly.type
_entity_poly.pdbx_seq_one_letter_code
_entity_poly.pdbx_strand_id
1 'polypeptide(L)'
;ATTQIGEIVKTVANTVESEIKAELGVIPSLNAVETGATSNTEPEEAIQTRTVINMHGTAECLVENFLGRSALVCMRSFEY
KNHSTSTSSIQKNFFIWTLNTRELVQIRRKMELFTYLRFDTEITIVPTLRLFSSSNVSFSGLPNLTLQAMYVPTGARKPS
SQDSFEWQSACNPSVFFKINDPPARLTIPFMSINSAYANFYDGFAGFEKKATVLYGINPANTMGNLCLRVVNSYQPVQYT
LTVRVYMKPKHIKAWAPRAPRTMPYTNILNNNYAGRSAAPNAPTAIVSHRSTIKTMPNDINLTTA
;
A
2 'polypeptide(L)'
;SPSAEACGYSDRVLQLKLGNSSIVTQEAANICCAYGEWPTYLPDNEAVAIDKPTQPETSTDRFYTLKSKKWESNSTGWWW
KLPDALNQIGMFGQNVQYHYLYRSGFLCHVQCNATKFHQGTLLIVAIPEHQIGKKGTGTSASFAEVMKGAEGGVFEQPYL
LDDGTSLACALVYPHQWINLRTNNSATIVLPWMNSAPMDFALRHNNWTLAVIPVCPLAGGTGNTNTYVPITISIAPMCAE
YNGLRNAITQ
;
B
3 'polypeptide(L)'
;GVPTCLLPGSNQFLTTDDHSSAPAFPDFSPTPEMHIPGQVHSMLEIVQIESMMEINNVNDASGVERLRVQISAQSDMDQL
LFNIPLDIQLEGPLRNTLLGNISRYYTHWSGSLEMTFMFCGSFMTTGKLIICYTPPGGSSPTDRMQAMLATHVVWDFGLQ
SSITIIIPWISGSHYRMFNTDAKAINANVGYVTCFMQTNLVAPVGAADQCYIVGMVAAKKDFNLRLMRDSPDIGQSAILP
EQA
;
C
4 'polypeptide(L)' GAQVSRQQTGTHENANVATGGSSITYNQINFYKDSYAASASKQDFSQDPSKFTEPVAEALKAGAPVLK D
#
# COMPACT_ATOMS: atom_id res chain seq x y z
N GLY A 6 4.69 -21.10 -4.56
CA GLY A 6 4.70 -20.78 -3.09
C GLY A 6 5.59 -21.74 -2.32
N GLU A 7 6.69 -21.23 -1.75
CA GLU A 7 7.72 -22.03 -1.02
C GLU A 7 7.84 -21.51 0.42
N ILE A 8 8.39 -22.34 1.32
CA ILE A 8 8.67 -21.99 2.75
C ILE A 8 9.99 -21.21 2.80
N VAL A 9 10.00 -20.09 3.52
CA VAL A 9 11.21 -19.22 3.72
C VAL A 9 11.31 -18.90 5.22
N LYS A 10 12.05 -19.72 5.96
CA LYS A 10 12.38 -19.52 7.40
C LYS A 10 13.63 -18.63 7.51
N THR A 11 14.59 -18.83 6.61
CA THR A 11 15.83 -18.01 6.48
C THR A 11 15.91 -17.41 5.07
N VAL A 12 16.59 -16.27 4.93
CA VAL A 12 16.79 -15.56 3.63
C VAL A 12 17.59 -16.47 2.68
N ALA A 13 17.50 -16.22 1.37
CA ALA A 13 18.12 -17.03 0.30
C ALA A 13 19.65 -17.08 0.50
N ASN A 14 20.25 -18.24 0.25
CA ASN A 14 21.73 -18.43 0.23
C ASN A 14 22.28 -17.89 -1.09
N THR A 15 23.56 -17.52 -1.09
CA THR A 15 24.33 -17.06 -2.28
C THR A 15 25.23 -18.20 -2.76
N VAL A 16 25.21 -18.48 -4.07
CA VAL A 16 26.02 -19.55 -4.73
C VAL A 16 27.23 -18.88 -5.39
N GLU A 17 28.39 -19.54 -5.35
CA GLU A 17 29.63 -19.09 -6.03
C GLU A 17 29.34 -18.99 -7.54
N SER A 18 29.72 -17.89 -8.18
CA SER A 18 29.54 -17.65 -9.64
C SER A 18 30.90 -17.40 -10.31
N GLU A 19 31.01 -17.76 -11.58
CA GLU A 19 32.24 -17.63 -12.41
C GLU A 19 32.05 -16.52 -13.45
N ILE A 20 33.12 -16.24 -14.21
CA ILE A 20 33.09 -15.35 -15.41
C ILE A 20 32.13 -15.97 -16.42
N LYS A 21 31.33 -15.15 -17.10
CA LYS A 21 30.32 -15.58 -18.10
C LYS A 21 30.29 -14.58 -19.25
N ALA A 22 30.79 -14.98 -20.43
CA ALA A 22 30.71 -14.24 -21.71
C ALA A 22 30.00 -15.13 -22.74
N GLU A 23 28.67 -15.15 -22.69
CA GLU A 23 27.80 -16.06 -23.49
C GLU A 23 26.83 -15.21 -24.32
N LEU A 24 26.73 -15.50 -25.63
CA LEU A 24 25.80 -14.81 -26.57
C LEU A 24 24.38 -15.30 -26.31
N GLY A 25 23.39 -14.41 -26.41
CA GLY A 25 21.95 -14.72 -26.24
C GLY A 25 21.51 -14.77 -24.79
N VAL A 26 22.41 -14.52 -23.83
CA VAL A 26 22.08 -14.56 -22.37
C VAL A 26 22.39 -13.20 -21.76
N ILE A 27 21.35 -12.48 -21.36
CA ILE A 27 21.47 -11.07 -20.86
C ILE A 27 20.66 -10.97 -19.58
N PRO A 28 21.09 -11.61 -18.47
CA PRO A 28 20.31 -11.62 -17.24
C PRO A 28 20.12 -10.24 -16.58
N SER A 29 21.01 -9.27 -16.86
CA SER A 29 20.98 -7.91 -16.28
C SER A 29 19.96 -7.01 -16.99
N LEU A 30 19.51 -7.37 -18.20
CA LEU A 30 18.48 -6.60 -18.97
C LEU A 30 17.09 -7.14 -18.62
N ASN A 31 16.12 -6.27 -18.39
CA ASN A 31 14.71 -6.70 -18.12
C ASN A 31 13.77 -5.82 -18.93
N ALA A 32 12.52 -6.24 -19.07
CA ALA A 32 11.43 -5.43 -19.62
C ALA A 32 10.48 -5.08 -18.47
N VAL A 33 10.52 -3.81 -18.03
CA VAL A 33 9.67 -3.27 -16.93
C VAL A 33 8.22 -3.15 -17.42
N GLU A 34 7.99 -3.09 -18.74
CA GLU A 34 6.66 -2.86 -19.38
C GLU A 34 5.70 -4.02 -19.11
N THR A 35 6.22 -5.25 -18.95
CA THR A 35 5.42 -6.47 -18.65
C THR A 35 4.68 -6.33 -17.31
N GLY A 36 5.13 -5.42 -16.43
CA GLY A 36 4.61 -5.28 -15.06
C GLY A 36 5.39 -6.13 -14.07
N ALA A 37 6.25 -7.03 -14.56
CA ALA A 37 7.06 -7.96 -13.75
C ALA A 37 8.31 -7.24 -13.23
N THR A 38 8.60 -7.38 -11.93
CA THR A 38 9.86 -6.94 -11.28
C THR A 38 11.04 -7.73 -11.86
N SER A 39 12.20 -7.08 -11.99
CA SER A 39 13.49 -7.68 -12.44
C SER A 39 13.73 -9.01 -11.72
N ASN A 40 14.14 -10.04 -12.47
CA ASN A 40 14.43 -11.41 -11.97
C ASN A 40 15.95 -11.64 -11.90
N THR A 41 16.77 -10.62 -12.20
CA THR A 41 18.26 -10.69 -12.17
C THR A 41 18.72 -11.07 -10.75
N GLU A 42 19.49 -12.15 -10.65
CA GLU A 42 20.14 -12.64 -9.40
C GLU A 42 21.50 -11.96 -9.25
N PRO A 43 22.00 -11.73 -8.01
CA PRO A 43 23.39 -11.30 -7.80
C PRO A 43 24.41 -12.25 -8.44
N GLU A 44 24.15 -13.56 -8.35
CA GLU A 44 25.00 -14.66 -8.90
C GLU A 44 25.29 -14.41 -10.40
N GLU A 45 24.35 -13.81 -11.13
CA GLU A 45 24.42 -13.66 -12.61
C GLU A 45 24.68 -12.19 -13.02
N ALA A 46 24.71 -11.24 -12.08
CA ALA A 46 25.03 -9.81 -12.34
C ALA A 46 26.52 -9.52 -12.02
N ILE A 47 27.06 -10.13 -10.95
CA ILE A 47 28.49 -10.01 -10.53
C ILE A 47 29.05 -11.41 -10.26
N GLN A 48 30.36 -11.50 -10.01
CA GLN A 48 31.03 -12.73 -9.51
C GLN A 48 30.81 -12.79 -7.99
N THR A 49 30.12 -13.82 -7.51
CA THR A 49 29.73 -14.01 -6.09
C THR A 49 30.51 -15.19 -5.48
N ARG A 50 30.57 -15.23 -4.15
CA ARG A 50 31.11 -16.37 -3.34
C ARG A 50 29.92 -17.17 -2.79
N THR A 51 30.18 -18.37 -2.26
CA THR A 51 29.19 -19.19 -1.51
C THR A 51 28.99 -18.53 -0.14
N VAL A 52 27.74 -18.16 0.18
CA VAL A 52 27.32 -17.61 1.50
C VAL A 52 26.11 -18.42 1.99
N ILE A 53 26.21 -19.00 3.20
CA ILE A 53 25.10 -19.71 3.88
C ILE A 53 24.47 -18.75 4.90
N ASN A 54 23.44 -18.01 4.46
CA ASN A 54 22.74 -16.97 5.27
C ASN A 54 21.78 -17.65 6.25
N MET A 55 21.97 -17.42 7.55
CA MET A 55 21.11 -17.95 8.65
C MET A 55 20.31 -16.81 9.30
N HIS A 56 20.05 -15.72 8.58
CA HIS A 56 19.16 -14.62 9.02
C HIS A 56 17.71 -15.11 8.97
N GLY A 57 16.97 -15.01 10.08
CA GLY A 57 15.57 -15.45 10.19
C GLY A 57 14.61 -14.41 9.63
N THR A 58 13.40 -14.81 9.25
CA THR A 58 12.39 -13.95 8.58
C THR A 58 11.13 -13.76 9.45
N ALA A 59 11.06 -14.40 10.63
CA ALA A 59 9.86 -14.46 11.49
C ALA A 59 9.41 -13.06 11.91
N GLU A 60 10.32 -12.08 11.99
CA GLU A 60 10.03 -10.69 12.45
C GLU A 60 9.35 -9.89 11.34
N CYS A 61 9.44 -10.33 10.07
CA CYS A 61 8.81 -9.68 8.89
C CYS A 61 7.49 -10.39 8.51
N LEU A 62 7.03 -11.38 9.29
CA LEU A 62 5.69 -12.00 9.13
C LEU A 62 4.63 -10.94 9.47
N VAL A 63 3.51 -10.94 8.73
CA VAL A 63 2.40 -9.96 8.88
C VAL A 63 1.78 -10.14 10.28
N GLU A 64 1.83 -11.36 10.83
CA GLU A 64 1.45 -11.67 12.24
C GLU A 64 2.31 -10.83 13.19
N ASN A 65 3.61 -10.74 12.94
CA ASN A 65 4.57 -9.98 13.80
C ASN A 65 4.48 -8.48 13.49
N PHE A 66 4.36 -8.12 12.19
CA PHE A 66 4.36 -6.71 11.72
C PHE A 66 3.12 -5.97 12.24
N LEU A 67 1.94 -6.61 12.20
CA LEU A 67 0.66 -6.01 12.64
C LEU A 67 0.30 -6.46 14.06
N GLY A 68 0.80 -7.62 14.52
CA GLY A 68 0.37 -8.24 15.79
C GLY A 68 1.11 -7.69 17.01
N ARG A 69 1.34 -6.38 17.06
CA ARG A 69 1.77 -5.63 18.26
C ARG A 69 0.57 -4.84 18.78
N SER A 70 0.53 -4.57 20.08
CA SER A 70 -0.57 -3.78 20.74
C SER A 70 -0.33 -2.30 20.49
N ALA A 71 -1.27 -1.63 19.83
CA ALA A 71 -1.20 -0.20 19.43
C ALA A 71 -2.37 0.56 20.06
N LEU A 72 -2.16 1.82 20.43
CA LEU A 72 -3.23 2.71 20.96
C LEU A 72 -4.22 3.01 19.82
N VAL A 73 -5.52 2.91 20.10
CA VAL A 73 -6.62 3.14 19.12
C VAL A 73 -7.63 4.18 19.64
N CYS A 74 -7.54 4.58 20.91
CA CYS A 74 -8.51 5.51 21.56
C CYS A 74 -7.87 6.14 22.80
N MET A 75 -8.00 7.46 22.93
CA MET A 75 -7.67 8.24 24.16
C MET A 75 -8.82 9.22 24.43
N ARG A 76 -9.61 8.97 25.48
CA ARG A 76 -10.73 9.83 25.91
C ARG A 76 -10.55 10.18 27.39
N SER A 77 -10.81 11.43 27.75
CA SER A 77 -10.74 11.95 29.13
C SER A 77 -12.02 12.74 29.45
N PHE A 78 -12.72 12.35 30.51
CA PHE A 78 -13.87 13.08 31.09
C PHE A 78 -13.56 13.43 32.54
N GLU A 79 -14.27 14.44 33.07
CA GLU A 79 -14.17 14.88 34.48
C GLU A 79 -15.10 14.00 35.34
N TYR A 80 -14.54 13.36 36.37
CA TYR A 80 -15.26 12.54 37.37
C TYR A 80 -15.62 13.43 38.56
N LYS A 81 -16.87 13.90 38.59
CA LYS A 81 -17.37 14.87 39.61
C LYS A 81 -18.91 14.86 39.61
N ASN A 82 -19.53 15.69 40.44
CA ASN A 82 -20.99 15.95 40.42
C ASN A 82 -21.27 16.95 39.29
N HIS A 83 -21.85 16.49 38.18
CA HIS A 83 -22.24 17.32 37.01
C HIS A 83 -23.64 17.91 37.20
N SER A 84 -24.38 17.49 38.23
CA SER A 84 -25.76 17.97 38.54
C SER A 84 -25.75 19.50 38.75
N THR A 85 -26.85 20.16 38.37
CA THR A 85 -27.04 21.63 38.44
C THR A 85 -28.47 21.92 38.92
N SER A 86 -28.92 23.18 38.84
CA SER A 86 -30.30 23.65 39.17
C SER A 86 -31.33 22.58 38.78
N THR A 87 -31.39 22.23 37.48
CA THR A 87 -32.25 21.16 36.91
C THR A 87 -31.51 20.48 35.74
N SER A 88 -30.74 19.43 36.04
CA SER A 88 -30.08 18.53 35.07
C SER A 88 -30.44 17.07 35.37
N SER A 89 -30.15 16.61 36.59
CA SER A 89 -30.31 15.21 37.08
C SER A 89 -29.53 14.21 36.19
N ILE A 90 -28.53 14.71 35.44
CA ILE A 90 -27.66 13.91 34.54
C ILE A 90 -26.23 13.98 35.10
N GLN A 91 -25.59 12.84 35.33
CA GLN A 91 -24.29 12.75 36.07
C GLN A 91 -23.11 12.84 35.10
N LYS A 92 -23.23 12.33 33.87
CA LYS A 92 -22.29 12.62 32.75
C LYS A 92 -20.86 12.17 33.07
N ASN A 93 -20.68 11.17 33.95
CA ASN A 93 -19.35 10.64 34.35
C ASN A 93 -19.07 9.39 33.51
N PHE A 94 -18.98 9.57 32.18
CA PHE A 94 -18.75 8.50 31.18
C PHE A 94 -18.45 9.15 29.82
N PHE A 95 -18.09 8.32 28.83
CA PHE A 95 -17.90 8.71 27.41
C PHE A 95 -18.40 7.59 26.50
N ILE A 96 -18.69 7.94 25.24
CA ILE A 96 -19.01 7.00 24.13
C ILE A 96 -18.06 7.33 22.98
N TRP A 97 -17.47 6.29 22.36
CA TRP A 97 -16.33 6.43 21.42
C TRP A 97 -16.80 6.30 19.95
N THR A 98 -17.70 5.36 19.64
CA THR A 98 -18.04 4.95 18.26
C THR A 98 -16.81 4.28 17.63
N LEU A 99 -16.64 2.98 17.91
CA LEU A 99 -15.46 2.13 17.57
C LEU A 99 -14.93 2.47 16.18
N ASN A 100 -13.60 2.59 16.05
CA ASN A 100 -12.88 2.78 14.77
C ASN A 100 -11.38 2.50 15.01
N THR A 101 -10.56 2.62 13.97
CA THR A 101 -9.10 2.32 14.03
C THR A 101 -8.31 3.37 13.23
N ARG A 102 -8.77 4.62 13.23
CA ARG A 102 -8.24 5.71 12.37
C ARG A 102 -7.76 6.93 13.20
N GLU A 103 -8.16 7.06 14.46
CA GLU A 103 -7.88 8.26 15.30
C GLU A 103 -6.38 8.44 15.50
N LEU A 104 -5.61 7.34 15.55
CA LEU A 104 -4.15 7.34 15.80
C LEU A 104 -3.42 6.77 14.57
N VAL A 105 -2.43 7.52 14.07
CA VAL A 105 -1.90 7.44 12.68
C VAL A 105 -0.96 6.24 12.52
N GLN A 106 -0.25 5.84 13.59
CA GLN A 106 0.79 4.78 13.53
C GLN A 106 0.12 3.43 13.20
N ILE A 107 -0.96 3.08 13.91
CA ILE A 107 -1.77 1.85 13.66
C ILE A 107 -2.55 2.01 12.35
N ARG A 108 -3.03 3.23 12.03
CA ARG A 108 -3.83 3.51 10.82
C ARG A 108 -2.96 3.29 9.57
N ARG A 109 -1.82 3.97 9.49
CA ARG A 109 -0.86 3.89 8.35
C ARG A 109 -0.37 2.44 8.19
N LYS A 110 -0.14 1.74 9.31
CA LYS A 110 0.37 0.34 9.31
C LYS A 110 -0.73 -0.61 8.81
N MET A 111 -1.97 -0.42 9.25
CA MET A 111 -3.15 -1.20 8.79
C MET A 111 -3.45 -0.86 7.32
N GLU A 112 -3.34 0.42 6.95
CA GLU A 112 -3.66 0.95 5.60
C GLU A 112 -2.62 0.51 4.55
N LEU A 113 -1.57 -0.22 4.93
CA LEU A 113 -0.60 -0.84 3.97
C LEU A 113 -1.23 -2.03 3.25
N PHE A 114 -2.40 -2.52 3.69
CA PHE A 114 -3.19 -3.59 3.01
C PHE A 114 -4.61 -3.08 2.74
N THR A 115 -5.26 -3.66 1.72
CA THR A 115 -6.67 -3.36 1.34
C THR A 115 -7.61 -4.10 2.29
N TYR A 116 -7.37 -5.39 2.52
CA TYR A 116 -8.22 -6.27 3.35
C TYR A 116 -7.40 -6.90 4.47
N LEU A 117 -7.96 -6.95 5.68
CA LEU A 117 -7.38 -7.63 6.87
C LEU A 117 -8.47 -8.46 7.55
N ARG A 118 -8.17 -9.72 7.86
CA ARG A 118 -9.00 -10.58 8.75
C ARG A 118 -8.16 -10.95 9.97
N PHE A 119 -8.52 -10.43 11.15
CA PHE A 119 -7.82 -10.68 12.43
C PHE A 119 -8.82 -10.64 13.59
N ASP A 120 -8.58 -11.49 14.59
CA ASP A 120 -9.17 -11.37 15.94
C ASP A 120 -8.31 -10.37 16.72
N THR A 121 -8.92 -9.49 17.51
CA THR A 121 -8.24 -8.35 18.16
C THR A 121 -8.30 -8.50 19.68
N GLU A 122 -7.13 -8.52 20.33
CA GLU A 122 -6.97 -8.41 21.80
C GLU A 122 -7.01 -6.92 22.15
N ILE A 123 -7.90 -6.52 23.07
CA ILE A 123 -8.03 -5.12 23.56
C ILE A 123 -7.50 -5.05 25.00
N THR A 124 -6.79 -3.97 25.33
CA THR A 124 -6.27 -3.66 26.69
C THR A 124 -6.65 -2.22 27.02
N ILE A 125 -7.38 -2.01 28.12
CA ILE A 125 -7.83 -0.67 28.58
C ILE A 125 -6.93 -0.25 29.76
N VAL A 126 -6.30 0.92 29.65
CA VAL A 126 -5.37 1.50 30.67
C VAL A 126 -5.98 2.79 31.20
N PRO A 127 -6.63 2.76 32.38
CA PRO A 127 -7.14 3.99 33.02
C PRO A 127 -6.07 4.71 33.86
N THR A 128 -6.23 6.04 34.02
CA THR A 128 -5.35 6.90 34.85
C THR A 128 -6.18 8.07 35.42
N LEU A 129 -5.94 8.43 36.69
CA LEU A 129 -6.62 9.54 37.40
C LEU A 129 -5.61 10.66 37.68
N ARG A 130 -6.07 11.92 37.64
CA ARG A 130 -5.41 13.10 38.25
C ARG A 130 -6.46 13.85 39.08
N LEU A 131 -6.09 14.34 40.27
CA LEU A 131 -6.87 15.39 40.97
C LEU A 131 -6.91 16.64 40.08
N PHE A 132 -8.09 17.24 39.91
CA PHE A 132 -8.28 18.52 39.19
C PHE A 132 -7.71 19.66 40.04
N SER A 133 -6.76 20.43 39.48
CA SER A 133 -6.13 21.61 40.12
C SER A 133 -7.19 22.71 40.33
N SER A 134 -7.84 22.71 41.50
CA SER A 134 -8.83 23.71 41.94
C SER A 134 -8.13 24.86 42.68
N SER A 135 -8.89 25.81 43.21
CA SER A 135 -8.40 26.97 44.02
C SER A 135 -7.92 26.48 45.40
N ASN A 136 -8.71 25.62 46.04
CA ASN A 136 -8.39 24.95 47.34
C ASN A 136 -8.48 23.43 47.15
N VAL A 137 -7.34 22.78 46.95
CA VAL A 137 -7.23 21.32 46.65
C VAL A 137 -6.01 20.77 47.40
N SER A 138 -6.24 19.92 48.42
CA SER A 138 -5.18 19.17 49.13
C SER A 138 -5.18 17.73 48.60
N PHE A 139 -4.14 17.33 47.89
CA PHE A 139 -3.95 15.94 47.39
C PHE A 139 -3.68 15.03 48.58
N SER A 140 -4.31 13.85 48.65
CA SER A 140 -3.71 12.66 49.32
C SER A 140 -4.25 11.32 48.80
N GLY A 141 -4.05 11.08 47.50
CA GLY A 141 -4.09 9.74 46.91
C GLY A 141 -5.31 9.53 46.04
N LEU A 142 -5.19 8.57 45.11
CA LEU A 142 -6.13 8.29 43.99
C LEU A 142 -7.08 7.17 44.39
N PRO A 143 -8.41 7.42 44.42
CA PRO A 143 -9.37 6.40 44.86
C PRO A 143 -9.35 5.19 43.90
N ASN A 144 -9.41 3.97 44.46
CA ASN A 144 -9.45 2.72 43.67
C ASN A 144 -10.87 2.57 43.12
N LEU A 145 -11.20 3.31 42.07
CA LEU A 145 -12.57 3.35 41.48
C LEU A 145 -12.78 2.09 40.64
N THR A 146 -14.01 1.55 40.63
CA THR A 146 -14.48 0.51 39.69
C THR A 146 -14.93 1.20 38.40
N LEU A 147 -14.38 0.78 37.26
CA LEU A 147 -14.81 1.23 35.91
C LEU A 147 -15.59 0.12 35.22
N GLN A 148 -16.54 0.49 34.35
CA GLN A 148 -17.30 -0.43 33.48
C GLN A 148 -17.15 0.02 32.03
N ALA A 149 -16.45 -0.77 31.22
CA ALA A 149 -16.41 -0.65 29.74
C ALA A 149 -17.50 -1.58 29.17
N MET A 150 -18.52 -1.01 28.52
CA MET A 150 -19.66 -1.74 27.92
C MET A 150 -19.63 -1.55 26.40
N TYR A 151 -19.46 -2.63 25.64
CA TYR A 151 -19.62 -2.64 24.17
C TYR A 151 -21.13 -2.59 23.86
N VAL A 152 -21.58 -1.47 23.28
CA VAL A 152 -22.98 -1.27 22.80
C VAL A 152 -22.98 -1.55 21.30
N PRO A 153 -23.43 -2.75 20.84
CA PRO A 153 -23.46 -3.07 19.41
C PRO A 153 -24.42 -2.16 18.63
N THR A 154 -24.28 -2.15 17.29
CA THR A 154 -25.12 -1.35 16.35
C THR A 154 -26.60 -1.60 16.64
N GLY A 155 -27.38 -0.54 16.87
CA GLY A 155 -28.85 -0.58 17.02
C GLY A 155 -29.32 -0.84 18.44
N ALA A 156 -28.41 -0.89 19.42
CA ALA A 156 -28.73 -1.00 20.86
C ALA A 156 -28.83 0.40 21.47
N ARG A 157 -29.64 0.53 22.53
CA ARG A 157 -29.81 1.80 23.30
C ARG A 157 -28.47 2.14 23.98
N LYS A 158 -27.99 3.37 23.78
CA LYS A 158 -26.75 3.91 24.41
C LYS A 158 -27.12 4.52 25.77
N PRO A 159 -26.20 4.56 26.76
CA PRO A 159 -26.43 5.28 28.01
C PRO A 159 -26.37 6.80 27.81
N SER A 160 -27.26 7.54 28.49
CA SER A 160 -27.34 9.03 28.47
C SER A 160 -26.76 9.63 29.76
N SER A 161 -26.47 8.79 30.77
CA SER A 161 -25.98 9.21 32.12
C SER A 161 -25.20 8.07 32.78
N GLN A 162 -24.37 8.39 33.78
CA GLN A 162 -23.67 7.42 34.67
C GLN A 162 -24.71 6.51 35.35
N ASP A 163 -25.87 7.05 35.73
CA ASP A 163 -26.88 6.37 36.56
C ASP A 163 -27.95 5.68 35.69
N SER A 164 -27.77 5.63 34.36
CA SER A 164 -28.71 4.99 33.40
C SER A 164 -28.79 3.48 33.66
N PHE A 165 -29.88 2.83 33.23
CA PHE A 165 -30.15 1.39 33.41
C PHE A 165 -29.78 0.60 32.14
N GLU A 166 -29.33 1.28 31.08
CA GLU A 166 -28.69 0.63 29.90
C GLU A 166 -27.41 -0.11 30.35
N TRP A 167 -26.81 0.31 31.46
CA TRP A 167 -25.61 -0.33 32.07
C TRP A 167 -25.90 -1.74 32.62
N GLN A 168 -27.18 -2.13 32.73
CA GLN A 168 -27.61 -3.52 33.10
C GLN A 168 -26.66 -4.55 32.47
N SER A 169 -26.43 -4.45 31.16
CA SER A 169 -25.48 -5.29 30.37
C SER A 169 -25.84 -6.77 30.52
N ALA A 170 -27.14 -7.10 30.57
CA ALA A 170 -27.64 -8.48 30.70
C ALA A 170 -27.19 -9.31 29.50
N CYS A 171 -27.08 -8.67 28.32
CA CYS A 171 -26.67 -9.30 27.03
C CYS A 171 -25.55 -8.51 26.34
N ASN A 172 -25.45 -7.19 26.56
CA ASN A 172 -24.29 -6.36 26.10
C ASN A 172 -23.03 -6.87 26.79
N PRO A 173 -21.94 -7.14 26.06
CA PRO A 173 -20.65 -7.46 26.68
C PRO A 173 -20.13 -6.25 27.47
N SER A 174 -19.86 -6.43 28.76
CA SER A 174 -19.24 -5.41 29.64
C SER A 174 -18.13 -6.05 30.50
N VAL A 175 -17.10 -5.27 30.81
CA VAL A 175 -15.98 -5.67 31.72
C VAL A 175 -15.92 -4.64 32.87
N PHE A 176 -15.89 -5.13 34.11
CA PHE A 176 -15.67 -4.34 35.35
C PHE A 176 -14.21 -4.52 35.78
N PHE A 177 -13.50 -3.41 36.00
CA PHE A 177 -12.06 -3.38 36.37
C PHE A 177 -11.76 -2.11 37.16
N LYS A 178 -10.91 -2.22 38.19
CA LYS A 178 -10.57 -1.11 39.12
C LYS A 178 -9.29 -0.42 38.63
N ILE A 179 -8.95 0.72 39.26
CA ILE A 179 -7.78 1.57 38.90
C ILE A 179 -6.48 0.85 39.28
N ASN A 180 -6.39 0.34 40.51
CA ASN A 180 -5.15 -0.26 41.08
C ASN A 180 -4.97 -1.72 40.62
N ASP A 181 -5.87 -2.26 39.78
CA ASP A 181 -5.74 -3.61 39.19
C ASP A 181 -4.91 -3.52 37.92
N PRO A 182 -4.42 -4.66 37.36
CA PRO A 182 -3.83 -4.67 36.02
C PRO A 182 -4.82 -4.20 34.97
N PRO A 183 -4.37 -3.55 33.86
CA PRO A 183 -5.30 -3.06 32.83
C PRO A 183 -6.20 -4.18 32.30
N ALA A 184 -7.49 -3.91 32.16
CA ALA A 184 -8.52 -4.83 31.61
C ALA A 184 -8.06 -5.36 30.25
N ARG A 185 -8.34 -6.63 29.95
CA ARG A 185 -7.99 -7.25 28.64
C ARG A 185 -9.09 -8.25 28.24
N LEU A 186 -9.34 -8.35 26.93
CA LEU A 186 -10.24 -9.34 26.31
C LEU A 186 -9.92 -9.43 24.81
N THR A 187 -10.32 -10.54 24.17
CA THR A 187 -10.21 -10.75 22.71
C THR A 187 -11.60 -10.60 22.08
N ILE A 188 -11.75 -9.64 21.18
CA ILE A 188 -12.91 -9.52 20.26
C ILE A 188 -12.61 -10.37 19.02
N PRO A 189 -13.54 -11.24 18.57
CA PRO A 189 -13.33 -12.04 17.36
C PRO A 189 -13.41 -11.21 16.08
N PHE A 190 -13.01 -11.79 14.95
CA PHE A 190 -13.28 -11.23 13.60
C PHE A 190 -14.80 -11.11 13.45
N MET A 191 -15.32 -9.88 13.44
CA MET A 191 -16.75 -9.56 13.66
C MET A 191 -17.32 -8.76 12.48
N SER A 192 -16.71 -8.85 11.30
CA SER A 192 -17.21 -8.21 10.06
C SER A 192 -18.35 -9.05 9.47
N ILE A 193 -19.32 -8.39 8.85
CA ILE A 193 -20.39 -9.03 8.01
C ILE A 193 -19.76 -9.66 6.76
N ASN A 194 -18.54 -9.23 6.38
CA ASN A 194 -17.78 -9.75 5.22
C ASN A 194 -16.63 -10.66 5.70
N SER A 195 -15.88 -11.27 4.78
CA SER A 195 -14.81 -12.26 5.06
C SER A 195 -13.50 -11.57 5.47
N ALA A 196 -13.40 -10.24 5.33
CA ALA A 196 -12.23 -9.43 5.77
C ALA A 196 -12.68 -7.99 6.10
N TYR A 197 -11.93 -7.31 6.97
CA TYR A 197 -12.03 -5.84 7.20
C TYR A 197 -11.41 -5.12 6.00
N ALA A 198 -11.99 -4.00 5.59
CA ALA A 198 -11.52 -3.16 4.46
C ALA A 198 -11.06 -1.79 5.01
N ASN A 199 -9.80 -1.42 4.74
CA ASN A 199 -9.19 -0.13 5.17
C ASN A 199 -9.62 0.99 4.23
N PHE A 200 -10.13 0.66 3.03
CA PHE A 200 -10.59 1.62 2.00
C PHE A 200 -11.88 1.08 1.35
N TYR A 201 -12.84 1.97 1.11
CA TYR A 201 -14.12 1.67 0.42
C TYR A 201 -14.33 2.68 -0.73
N ASP A 202 -14.05 2.24 -1.96
CA ASP A 202 -14.32 3.04 -3.19
C ASP A 202 -15.82 2.92 -3.49
N GLY A 203 -16.64 3.65 -2.71
CA GLY A 203 -18.12 3.60 -2.81
C GLY A 203 -18.81 4.26 -1.64
N PHE A 204 -20.12 4.04 -1.53
CA PHE A 204 -21.04 4.63 -0.53
C PHE A 204 -21.72 3.51 0.26
N ALA A 205 -22.17 3.81 1.49
CA ALA A 205 -22.76 2.85 2.45
C ALA A 205 -24.29 2.98 2.50
N GLY A 206 -24.88 3.89 1.72
CA GLY A 206 -26.34 4.11 1.62
C GLY A 206 -26.85 3.91 0.21
N PHE A 207 -28.13 3.57 0.06
CA PHE A 207 -28.79 3.31 -1.25
C PHE A 207 -29.18 4.63 -1.92
N GLU A 208 -29.31 5.72 -1.16
CA GLU A 208 -29.67 7.07 -1.68
C GLU A 208 -28.41 7.73 -2.28
N LYS A 209 -28.62 8.77 -3.10
CA LYS A 209 -27.58 9.51 -3.86
C LYS A 209 -27.37 10.90 -3.25
N LYS A 210 -27.81 11.12 -2.00
CA LYS A 210 -27.80 12.45 -1.34
C LYS A 210 -26.40 12.77 -0.82
N ALA A 211 -26.11 14.06 -0.59
CA ALA A 211 -24.85 14.58 -0.01
C ALA A 211 -24.60 13.91 1.36
N THR A 212 -25.64 13.81 2.18
CA THR A 212 -25.65 13.15 3.52
C THR A 212 -25.02 11.74 3.44
N VAL A 213 -25.16 11.05 2.30
CA VAL A 213 -24.51 9.74 2.02
C VAL A 213 -23.05 10.00 1.60
N LEU A 214 -22.11 9.83 2.52
CA LEU A 214 -20.68 10.24 2.37
C LEU A 214 -19.89 9.15 1.63
N TYR A 215 -18.95 9.57 0.79
CA TYR A 215 -18.01 8.69 0.03
C TYR A 215 -16.95 8.16 0.99
N GLY A 216 -16.58 6.89 0.85
CA GLY A 216 -15.50 6.25 1.63
C GLY A 216 -16.01 5.46 2.83
N ILE A 217 -17.17 5.84 3.38
CA ILE A 217 -17.81 5.11 4.53
C ILE A 217 -18.22 3.73 4.03
N ASN A 218 -17.84 2.69 4.77
CA ASN A 218 -18.08 1.25 4.44
C ASN A 218 -19.28 0.78 5.24
N PRO A 219 -20.27 0.08 4.62
CA PRO A 219 -21.33 -0.58 5.38
C PRO A 219 -20.90 -1.90 6.05
N ALA A 220 -19.65 -1.99 6.52
CA ALA A 220 -19.15 -3.04 7.44
C ALA A 220 -18.29 -2.46 8.57
N ASN A 221 -18.10 -1.13 8.63
CA ASN A 221 -17.30 -0.43 9.68
C ASN A 221 -18.24 0.16 10.75
N THR A 222 -19.55 0.05 10.57
CA THR A 222 -20.57 0.34 11.62
C THR A 222 -20.46 -0.74 12.69
N MET A 223 -19.51 -0.58 13.62
CA MET A 223 -19.09 -1.62 14.59
C MET A 223 -19.74 -1.37 15.97
N GLY A 224 -20.63 -0.39 16.09
CA GLY A 224 -21.26 0.00 17.37
C GLY A 224 -20.38 0.96 18.14
N ASN A 225 -20.49 0.94 19.47
CA ASN A 225 -19.82 1.92 20.37
C ASN A 225 -19.24 1.21 21.59
N LEU A 226 -18.16 1.76 22.15
CA LEU A 226 -17.68 1.45 23.53
C LEU A 226 -18.15 2.57 24.46
N CYS A 227 -18.92 2.21 25.48
CA CYS A 227 -19.39 3.11 26.56
C CYS A 227 -18.63 2.73 27.84
N LEU A 228 -17.80 3.65 28.37
CA LEU A 228 -17.05 3.42 29.63
C LEU A 228 -17.50 4.43 30.68
N ARG A 229 -17.77 3.93 31.89
CA ARG A 229 -18.32 4.70 33.03
C ARG A 229 -17.43 4.47 34.25
N VAL A 230 -17.40 5.43 35.17
CA VAL A 230 -17.00 5.21 36.60
C VAL A 230 -18.22 4.67 37.34
N VAL A 231 -18.14 3.43 37.81
CA VAL A 231 -19.26 2.71 38.52
C VAL A 231 -19.51 3.43 39.85
N ASN A 232 -18.44 3.80 40.56
CA ASN A 232 -18.51 4.60 41.81
C ASN A 232 -19.28 5.89 41.56
N SER A 233 -20.19 6.25 42.45
CA SER A 233 -20.86 7.58 42.49
C SER A 233 -19.82 8.67 42.71
N TYR A 234 -20.16 9.92 42.37
CA TYR A 234 -19.25 11.10 42.39
C TYR A 234 -18.63 11.29 43.78
N GLN A 235 -17.32 11.62 43.79
CA GLN A 235 -16.49 12.01 44.95
C GLN A 235 -16.83 13.45 45.36
N PRO A 236 -16.39 13.91 46.55
CA PRO A 236 -16.62 15.30 46.97
C PRO A 236 -15.78 16.34 46.19
N VAL A 237 -14.76 15.87 45.44
CA VAL A 237 -13.78 16.68 44.67
C VAL A 237 -13.81 16.22 43.20
N GLN A 238 -13.28 17.03 42.29
CA GLN A 238 -13.26 16.70 40.82
C GLN A 238 -12.01 15.88 40.52
N TYR A 239 -12.17 14.72 39.88
CA TYR A 239 -11.08 13.89 39.30
C TYR A 239 -11.20 13.94 37.77
N THR A 240 -10.09 13.74 37.05
CA THR A 240 -10.05 13.58 35.58
C THR A 240 -9.60 12.14 35.27
N LEU A 241 -10.51 11.31 34.75
CA LEU A 241 -10.20 9.93 34.29
C LEU A 241 -9.79 9.99 32.82
N THR A 242 -8.57 9.55 32.50
CA THR A 242 -8.09 9.35 31.11
C THR A 242 -8.03 7.85 30.83
N VAL A 243 -8.71 7.41 29.77
CA VAL A 243 -8.78 5.98 29.34
C VAL A 243 -7.99 5.84 28.04
N ARG A 244 -7.08 4.87 27.98
CA ARG A 244 -6.30 4.50 26.77
C ARG A 244 -6.68 3.06 26.39
N VAL A 245 -7.15 2.86 25.16
CA VAL A 245 -7.54 1.53 24.61
C VAL A 245 -6.46 1.12 23.61
N TYR A 246 -5.89 -0.07 23.78
CA TYR A 246 -4.83 -0.63 22.92
C TYR A 246 -5.38 -1.83 22.16
N MET A 247 -5.03 -1.95 20.89
CA MET A 247 -5.52 -2.99 19.95
C MET A 247 -4.31 -3.84 19.51
N LYS A 248 -4.40 -5.16 19.68
CA LYS A 248 -3.41 -6.15 19.17
C LYS A 248 -4.12 -7.12 18.24
N PRO A 249 -4.00 -6.95 16.91
CA PRO A 249 -4.45 -7.96 15.95
C PRO A 249 -3.80 -9.33 16.17
N LYS A 250 -4.61 -10.40 16.14
CA LYS A 250 -4.18 -11.82 16.27
C LYS A 250 -4.75 -12.62 15.09
N HIS A 251 -4.06 -13.69 14.70
CA HIS A 251 -4.53 -14.68 13.70
C HIS A 251 -4.83 -13.94 12.38
N ILE A 252 -3.85 -13.18 11.89
CA ILE A 252 -4.05 -12.14 10.84
C ILE A 252 -3.89 -12.77 9.46
N LYS A 253 -4.81 -12.44 8.55
CA LYS A 253 -4.67 -12.64 7.09
C LYS A 253 -4.77 -11.26 6.43
N ALA A 254 -3.88 -10.97 5.47
CA ALA A 254 -3.75 -9.66 4.80
C ALA A 254 -3.72 -9.86 3.29
N TRP A 255 -4.35 -8.96 2.53
CA TRP A 255 -4.51 -9.04 1.06
C TRP A 255 -4.22 -7.68 0.41
N ALA A 256 -3.78 -7.70 -0.86
CA ALA A 256 -3.67 -6.54 -1.77
C ALA A 256 -2.90 -5.41 -1.08
N PRO A 257 -1.55 -5.51 -1.00
CA PRO A 257 -0.75 -4.47 -0.35
C PRO A 257 -0.90 -3.12 -1.09
N ARG A 258 -0.98 -2.03 -0.33
CA ARG A 258 -1.27 -0.66 -0.83
C ARG A 258 0.03 0.15 -0.86
N ALA A 259 0.01 1.26 -1.61
CA ALA A 259 1.04 2.33 -1.57
C ALA A 259 0.94 3.00 -0.20
N PRO A 260 2.04 3.10 0.59
CA PRO A 260 1.98 3.72 1.92
C PRO A 260 1.51 5.18 1.88
N ARG A 261 0.82 5.61 2.94
CA ARG A 261 0.37 7.01 3.16
C ARG A 261 1.60 7.92 3.21
N THR A 262 1.56 9.05 2.49
CA THR A 262 2.65 10.05 2.43
C THR A 262 2.22 11.33 3.17
N MET A 263 1.04 11.87 2.83
CA MET A 263 0.53 13.14 3.41
C MET A 263 -0.05 12.88 4.80
N PRO A 264 0.04 13.83 5.75
CA PRO A 264 -0.53 13.64 7.08
C PRO A 264 -2.07 13.53 7.02
N TYR A 265 -2.64 12.60 7.77
CA TYR A 265 -4.11 12.43 7.94
C TYR A 265 -4.69 13.71 8.55
N THR A 266 -5.97 14.00 8.26
CA THR A 266 -6.70 15.21 8.73
C THR A 266 -7.98 14.83 9.48
N ASN A 267 -8.52 13.62 9.28
CA ASN A 267 -9.81 13.17 9.88
C ASN A 267 -9.91 11.64 9.79
N ILE A 268 -10.97 11.07 10.38
CA ILE A 268 -11.21 9.60 10.44
C ILE A 268 -12.33 9.18 9.48
N LEU A 269 -13.05 10.13 8.87
CA LEU A 269 -14.21 9.84 7.98
C LEU A 269 -13.74 9.58 6.54
N ASN A 270 -12.59 10.15 6.13
CA ASN A 270 -12.05 10.02 4.74
C ASN A 270 -10.51 10.01 4.79
N ASN A 271 -9.88 9.85 3.62
CA ASN A 271 -8.40 9.81 3.44
C ASN A 271 -7.91 11.12 2.81
N ASN A 272 -8.63 12.23 2.98
CA ASN A 272 -8.25 13.56 2.42
C ASN A 272 -6.93 14.02 3.07
N TYR A 273 -6.32 15.07 2.51
CA TYR A 273 -5.01 15.62 2.92
C TYR A 273 -4.94 17.12 2.62
N ALA A 274 -4.14 17.85 3.41
CA ALA A 274 -3.69 19.23 3.15
C ALA A 274 -2.20 19.24 2.77
N GLY A 275 -1.42 18.24 3.22
CA GLY A 275 0.04 18.18 3.07
C GLY A 275 0.74 19.23 3.93
N ARG A 276 2.05 19.09 4.12
CA ARG A 276 2.89 20.06 4.89
C ARG A 276 3.39 21.15 3.93
N SER A 277 3.59 22.37 4.46
CA SER A 277 3.89 23.62 3.71
C SER A 277 5.05 23.40 2.71
N ALA A 278 6.13 22.76 3.16
CA ALA A 278 7.33 22.44 2.37
C ALA A 278 7.76 20.99 2.61
N ALA A 279 8.60 20.44 1.73
CA ALA A 279 9.14 19.06 1.80
C ALA A 279 9.86 18.88 3.15
N PRO A 280 9.82 17.69 3.79
CA PRO A 280 9.20 16.49 3.22
C PRO A 280 7.68 16.38 3.44
N ASN A 281 7.05 15.47 2.69
CA ASN A 281 5.61 15.10 2.77
C ASN A 281 4.73 16.31 2.42
N ALA A 282 5.17 17.13 1.46
CA ALA A 282 4.36 18.23 0.86
C ALA A 282 3.62 17.69 -0.36
N PRO A 283 2.47 18.29 -0.75
CA PRO A 283 1.67 17.77 -1.88
C PRO A 283 2.45 17.64 -3.20
N THR A 284 3.45 18.50 -3.43
CA THR A 284 4.27 18.56 -4.67
C THR A 284 5.69 18.03 -4.43
N ALA A 285 6.07 17.69 -3.19
CA ALA A 285 7.43 17.21 -2.83
C ALA A 285 7.36 16.33 -1.58
N ILE A 286 7.38 15.01 -1.77
CA ILE A 286 7.35 14.00 -0.66
C ILE A 286 8.74 13.92 -0.03
N VAL A 287 9.78 13.66 -0.81
CA VAL A 287 11.20 13.60 -0.34
C VAL A 287 11.78 15.03 -0.30
N SER A 288 12.54 15.36 0.74
CA SER A 288 13.24 16.66 0.94
C SER A 288 14.12 16.98 -0.28
N HIS A 289 14.36 18.26 -0.54
CA HIS A 289 15.12 18.78 -1.70
C HIS A 289 16.63 18.61 -1.46
N ARG A 290 17.37 18.34 -2.53
CA ARG A 290 18.86 18.51 -2.60
C ARG A 290 19.18 19.48 -3.74
N SER A 291 20.40 20.02 -3.76
CA SER A 291 20.85 21.11 -4.68
C SER A 291 20.67 20.68 -6.14
N THR A 292 21.21 19.50 -6.52
CA THR A 292 21.18 18.95 -7.90
C THR A 292 21.08 17.42 -7.85
N ILE A 293 20.76 16.81 -9.01
CA ILE A 293 20.74 15.33 -9.24
C ILE A 293 22.16 14.75 -9.14
N LYS A 294 23.20 15.58 -9.21
CA LYS A 294 24.63 15.16 -9.14
C LYS A 294 25.22 15.48 -7.76
N THR A 295 24.42 16.00 -6.82
CA THR A 295 24.87 16.40 -5.46
C THR A 295 24.57 15.28 -4.46
N MET A 296 25.59 14.84 -3.72
CA MET A 296 25.46 13.98 -2.52
C MET A 296 25.36 14.88 -1.28
N PRO A 297 24.21 14.93 -0.58
CA PRO A 297 24.04 15.83 0.56
C PRO A 297 24.89 15.43 1.78
N ASN A 298 25.11 14.13 2.00
CA ASN A 298 25.92 13.56 3.10
C ASN A 298 27.20 12.95 2.54
N ASP A 299 27.85 13.64 1.60
CA ASP A 299 29.12 13.20 0.95
C ASP A 299 30.21 13.15 2.03
N ILE A 300 30.91 12.01 2.14
CA ILE A 300 32.01 11.80 3.12
C ILE A 300 33.25 12.53 2.58
N ASN A 301 33.69 13.58 3.29
CA ASN A 301 34.86 14.43 2.95
C ASN A 301 36.04 14.06 3.86
N LEU A 302 37.25 14.01 3.29
CA LEU A 302 38.51 13.67 4.01
C LEU A 302 39.56 14.75 3.74
N SER B 10 4.93 -18.17 -29.06
CA SER B 10 4.77 -16.97 -28.17
C SER B 10 5.75 -15.86 -28.59
N ASP B 11 5.43 -14.61 -28.24
CA ASP B 11 6.20 -13.40 -28.65
C ASP B 11 5.65 -12.13 -27.97
N ARG B 12 5.73 -11.02 -28.71
CA ARG B 12 5.26 -9.64 -28.43
C ARG B 12 3.89 -9.41 -29.10
N VAL B 13 3.29 -10.46 -29.67
CA VAL B 13 1.97 -10.39 -30.37
C VAL B 13 0.93 -11.12 -29.53
N LEU B 14 -0.31 -10.62 -29.51
CA LEU B 14 -1.43 -11.13 -28.65
C LEU B 14 -2.76 -10.90 -29.36
N GLN B 15 -3.62 -11.93 -29.37
CA GLN B 15 -5.05 -11.82 -29.78
C GLN B 15 -5.93 -12.20 -28.57
N LEU B 16 -6.79 -11.27 -28.14
CA LEU B 16 -7.80 -11.48 -27.07
C LEU B 16 -9.17 -11.68 -27.73
N LYS B 17 -9.82 -12.82 -27.48
CA LYS B 17 -11.14 -13.18 -28.09
C LYS B 17 -12.13 -13.51 -26.97
N LEU B 18 -13.12 -12.64 -26.76
CA LEU B 18 -14.25 -12.84 -25.80
C LEU B 18 -15.57 -12.53 -26.52
N GLY B 19 -16.40 -13.56 -26.73
CA GLY B 19 -17.72 -13.47 -27.41
C GLY B 19 -17.58 -12.91 -28.82
N ASN B 20 -18.40 -11.91 -29.16
CA ASN B 20 -18.35 -11.18 -30.46
C ASN B 20 -16.97 -10.59 -30.70
N SER B 21 -16.27 -10.16 -29.63
CA SER B 21 -15.07 -9.29 -29.69
C SER B 21 -13.80 -10.10 -29.98
N SER B 22 -12.85 -9.46 -30.66
CA SER B 22 -11.46 -9.93 -30.88
C SER B 22 -10.53 -8.72 -31.05
N ILE B 23 -9.57 -8.55 -30.15
CA ILE B 23 -8.52 -7.48 -30.22
C ILE B 23 -7.18 -8.15 -30.54
N VAL B 24 -6.44 -7.57 -31.49
CA VAL B 24 -5.05 -7.99 -31.85
C VAL B 24 -4.10 -6.83 -31.57
N THR B 25 -2.89 -7.13 -31.09
CA THR B 25 -1.76 -6.19 -30.94
C THR B 25 -0.47 -6.89 -31.35
N GLN B 26 0.49 -6.13 -31.88
CA GLN B 26 1.79 -6.64 -32.39
C GLN B 26 2.95 -6.07 -31.55
N GLU B 27 2.80 -4.88 -30.97
CA GLU B 27 3.71 -4.31 -29.94
C GLU B 27 3.05 -4.48 -28.57
N ALA B 28 3.05 -5.71 -28.05
CA ALA B 28 2.66 -6.05 -26.66
C ALA B 28 3.92 -6.27 -25.82
N ALA B 29 3.74 -6.43 -24.50
CA ALA B 29 4.80 -6.80 -23.53
C ALA B 29 4.50 -8.20 -23.00
N ASN B 30 3.33 -8.38 -22.36
CA ASN B 30 2.82 -9.66 -21.81
C ASN B 30 1.35 -9.44 -21.42
N ILE B 31 0.72 -10.42 -20.76
CA ILE B 31 -0.59 -10.27 -20.05
C ILE B 31 -0.29 -10.27 -18.55
N CYS B 32 -0.68 -9.20 -17.84
CA CYS B 32 -0.60 -9.09 -16.36
C CYS B 32 -1.87 -9.72 -15.74
N CYS B 33 -1.74 -10.91 -15.16
CA CYS B 33 -2.80 -11.57 -14.36
C CYS B 33 -2.67 -11.07 -12.91
N ALA B 34 -3.56 -10.16 -12.50
CA ALA B 34 -3.54 -9.49 -11.17
C ALA B 34 -3.44 -10.54 -10.07
N TYR B 35 -2.38 -10.47 -9.27
CA TYR B 35 -2.08 -11.39 -8.14
C TYR B 35 -2.00 -12.84 -8.64
N GLY B 36 -1.53 -13.03 -9.88
CA GLY B 36 -1.37 -14.33 -10.56
C GLY B 36 -2.64 -15.15 -10.59
N GLU B 37 -3.81 -14.52 -10.75
CA GLU B 37 -5.13 -15.18 -10.72
C GLU B 37 -5.93 -14.81 -11.98
N TRP B 38 -6.76 -15.75 -12.46
CA TRP B 38 -7.73 -15.55 -13.57
C TRP B 38 -9.14 -15.54 -13.00
N PRO B 39 -10.06 -14.68 -13.50
CA PRO B 39 -11.44 -14.67 -13.03
C PRO B 39 -12.15 -16.02 -13.25
N THR B 40 -12.92 -16.45 -12.25
CA THR B 40 -13.73 -17.70 -12.26
C THR B 40 -15.11 -17.37 -11.69
N TYR B 41 -16.12 -18.21 -11.99
CA TYR B 41 -17.49 -18.11 -11.44
C TYR B 41 -17.46 -18.44 -9.94
N LEU B 42 -18.37 -17.83 -9.17
CA LEU B 42 -18.49 -18.01 -7.70
C LEU B 42 -18.85 -19.46 -7.39
N PRO B 43 -18.04 -20.21 -6.61
CA PRO B 43 -18.38 -21.58 -6.22
C PRO B 43 -19.44 -21.64 -5.12
N ASP B 44 -19.96 -22.84 -4.85
CA ASP B 44 -21.04 -23.12 -3.86
C ASP B 44 -20.51 -22.90 -2.44
N ASN B 45 -19.27 -23.34 -2.17
CA ASN B 45 -18.58 -23.19 -0.87
C ASN B 45 -18.43 -21.71 -0.47
N GLU B 46 -18.43 -20.78 -1.44
CA GLU B 46 -18.29 -19.31 -1.21
C GLU B 46 -19.60 -18.58 -1.47
N ALA B 47 -20.69 -19.27 -1.84
CA ALA B 47 -21.98 -18.67 -2.25
C ALA B 47 -22.76 -18.21 -1.01
N VAL B 48 -23.48 -17.09 -1.14
CA VAL B 48 -24.29 -16.44 -0.06
C VAL B 48 -25.74 -16.33 -0.53
N ALA B 49 -25.98 -15.58 -1.61
CA ALA B 49 -27.31 -15.38 -2.24
C ALA B 49 -27.81 -16.72 -2.79
N ILE B 50 -29.00 -17.16 -2.35
CA ILE B 50 -29.51 -18.56 -2.54
C ILE B 50 -30.24 -18.69 -3.88
N ASP B 51 -30.75 -17.58 -4.45
CA ASP B 51 -31.44 -17.57 -5.78
C ASP B 51 -30.45 -18.01 -6.87
N LYS B 52 -30.94 -18.73 -7.88
CA LYS B 52 -30.12 -19.20 -9.03
C LYS B 52 -29.63 -17.98 -9.81
N PRO B 53 -28.30 -17.79 -9.97
CA PRO B 53 -27.78 -16.63 -10.70
C PRO B 53 -27.91 -16.79 -12.22
N THR B 54 -28.01 -15.65 -12.93
CA THR B 54 -27.96 -15.56 -14.41
C THR B 54 -26.49 -15.38 -14.82
N GLN B 55 -25.98 -16.27 -15.68
CA GLN B 55 -24.59 -16.25 -16.22
C GLN B 55 -24.66 -16.01 -17.72
N PRO B 56 -24.85 -14.75 -18.19
CA PRO B 56 -24.83 -14.45 -19.61
C PRO B 56 -23.38 -14.30 -20.10
N GLU B 57 -22.87 -15.29 -20.84
CA GLU B 57 -21.43 -15.37 -21.23
C GLU B 57 -21.14 -14.33 -22.32
N THR B 58 -21.63 -14.58 -23.54
CA THR B 58 -21.24 -13.85 -24.78
C THR B 58 -21.80 -12.43 -24.79
N SER B 59 -23.00 -12.21 -24.23
CA SER B 59 -23.72 -10.91 -24.26
C SER B 59 -23.09 -9.90 -23.29
N THR B 60 -22.41 -10.35 -22.23
CA THR B 60 -21.75 -9.49 -21.21
C THR B 60 -20.23 -9.65 -21.24
N ASP B 61 -19.72 -10.88 -21.32
CA ASP B 61 -18.25 -11.16 -21.28
C ASP B 61 -17.69 -10.94 -22.68
N ARG B 62 -17.50 -9.66 -23.04
CA ARG B 62 -16.99 -9.18 -24.35
C ARG B 62 -16.39 -7.78 -24.17
N PHE B 63 -15.52 -7.36 -25.08
CA PHE B 63 -14.77 -6.08 -25.00
C PHE B 63 -15.72 -4.91 -25.31
N TYR B 64 -15.94 -4.05 -24.31
CA TYR B 64 -16.60 -2.73 -24.44
C TYR B 64 -15.52 -1.65 -24.54
N THR B 65 -15.41 -1.01 -25.71
CA THR B 65 -14.47 0.11 -25.98
C THR B 65 -15.11 1.42 -25.52
N LEU B 66 -14.46 2.13 -24.60
CA LEU B 66 -14.91 3.44 -24.06
C LEU B 66 -14.40 4.57 -24.95
N LYS B 67 -14.84 5.81 -24.70
CA LYS B 67 -14.41 7.02 -25.45
C LYS B 67 -12.93 7.28 -25.17
N SER B 68 -12.18 7.66 -26.21
CA SER B 68 -10.70 7.87 -26.16
C SER B 68 -10.37 9.21 -25.48
N LYS B 69 -9.12 9.36 -25.03
CA LYS B 69 -8.59 10.57 -24.36
C LYS B 69 -7.34 11.04 -25.12
N LYS B 70 -7.22 12.36 -25.35
CA LYS B 70 -6.06 12.98 -26.03
C LYS B 70 -4.90 13.07 -25.04
N TRP B 71 -3.81 12.33 -25.30
CA TRP B 71 -2.54 12.44 -24.54
C TRP B 71 -1.89 13.79 -24.88
N GLU B 72 -1.84 14.70 -23.91
CA GLU B 72 -1.22 16.05 -24.04
C GLU B 72 0.14 16.07 -23.33
N SER B 73 1.00 17.02 -23.69
CA SER B 73 2.32 17.27 -23.05
C SER B 73 2.15 17.48 -21.54
N ASN B 74 1.04 18.09 -21.11
CA ASN B 74 0.74 18.44 -19.69
C ASN B 74 -0.33 17.50 -19.11
N SER B 75 -0.61 16.36 -19.74
CA SER B 75 -1.62 15.36 -19.28
C SER B 75 -1.21 14.84 -17.89
N THR B 76 -2.11 14.98 -16.90
CA THR B 76 -1.92 14.54 -15.50
C THR B 76 -2.20 13.03 -15.39
N GLY B 77 -3.22 12.54 -16.11
CA GLY B 77 -3.62 11.12 -16.16
C GLY B 77 -5.11 10.96 -16.01
N TRP B 78 -5.62 9.75 -16.30
CA TRP B 78 -7.07 9.41 -16.33
C TRP B 78 -7.31 8.15 -15.51
N TRP B 79 -8.50 8.03 -14.91
CA TRP B 79 -8.96 6.79 -14.21
C TRP B 79 -10.38 6.44 -14.66
N TRP B 80 -10.68 5.14 -14.66
CA TRP B 80 -12.03 4.56 -14.89
C TRP B 80 -12.34 3.60 -13.75
N LYS B 81 -13.46 3.80 -13.05
CA LYS B 81 -13.90 2.97 -11.91
C LYS B 81 -14.83 1.87 -12.42
N LEU B 82 -14.51 0.61 -12.12
CA LEU B 82 -15.29 -0.58 -12.52
C LEU B 82 -16.08 -1.09 -11.31
N PRO B 83 -17.36 -1.51 -11.47
CA PRO B 83 -18.03 -1.59 -12.78
C PRO B 83 -18.72 -0.31 -13.28
N ASP B 84 -18.57 0.83 -12.58
CA ASP B 84 -19.29 2.11 -12.88
C ASP B 84 -19.14 2.48 -14.36
N ALA B 85 -17.94 2.28 -14.93
CA ALA B 85 -17.59 2.59 -16.34
C ALA B 85 -18.52 1.84 -17.31
N LEU B 86 -18.94 0.62 -16.98
CA LEU B 86 -19.72 -0.27 -17.89
C LEU B 86 -21.18 -0.42 -17.42
N ASN B 87 -21.61 0.30 -16.38
CA ASN B 87 -22.95 0.12 -15.76
C ASN B 87 -24.06 0.70 -16.64
N GLN B 88 -23.74 1.58 -17.60
CA GLN B 88 -24.72 2.15 -18.58
C GLN B 88 -24.27 1.82 -20.01
N ILE B 89 -23.83 0.58 -20.25
CA ILE B 89 -23.29 0.10 -21.56
C ILE B 89 -23.70 -1.37 -21.77
N GLY B 90 -24.41 -1.65 -22.89
CA GLY B 90 -24.69 -3.00 -23.40
C GLY B 90 -25.53 -3.83 -22.45
N MET B 91 -25.39 -5.17 -22.51
CA MET B 91 -26.16 -6.14 -21.69
C MET B 91 -25.54 -6.26 -20.28
N PHE B 92 -24.27 -5.90 -20.10
CA PHE B 92 -23.64 -5.81 -18.76
C PHE B 92 -24.38 -4.75 -17.92
N GLY B 93 -24.65 -3.59 -18.53
CA GLY B 93 -25.40 -2.48 -17.91
C GLY B 93 -26.82 -2.89 -17.55
N GLN B 94 -27.55 -3.49 -18.50
CA GLN B 94 -28.96 -3.92 -18.32
C GLN B 94 -29.04 -4.93 -17.17
N ASN B 95 -28.19 -5.96 -17.17
CA ASN B 95 -28.11 -6.97 -16.09
C ASN B 95 -27.78 -6.29 -14.75
N VAL B 96 -26.97 -5.23 -14.76
CA VAL B 96 -26.67 -4.42 -13.54
C VAL B 96 -27.92 -3.67 -13.10
N GLN B 97 -28.56 -2.93 -14.03
CA GLN B 97 -29.78 -2.11 -13.77
C GLN B 97 -30.91 -2.99 -13.23
N TYR B 98 -31.01 -4.25 -13.69
CA TYR B 98 -32.14 -5.19 -13.41
C TYR B 98 -31.83 -6.12 -12.21
N HIS B 99 -30.59 -6.17 -11.71
CA HIS B 99 -30.19 -7.07 -10.58
C HIS B 99 -29.64 -6.27 -9.39
N TYR B 100 -29.81 -6.80 -8.18
CA TYR B 100 -29.31 -6.20 -6.92
C TYR B 100 -27.80 -6.46 -6.83
N LEU B 101 -27.38 -7.69 -7.11
CA LEU B 101 -25.99 -8.13 -6.89
C LEU B 101 -25.32 -8.43 -8.25
N TYR B 102 -24.03 -8.13 -8.33
CA TYR B 102 -23.14 -8.45 -9.48
C TYR B 102 -21.86 -9.09 -8.94
N ARG B 103 -21.26 -9.97 -9.74
CA ARG B 103 -19.85 -10.41 -9.60
C ARG B 103 -19.26 -10.58 -11.00
N SER B 104 -18.06 -10.05 -11.22
CA SER B 104 -17.30 -10.23 -12.48
C SER B 104 -15.84 -9.83 -12.25
N GLY B 105 -14.92 -10.50 -12.95
CA GLY B 105 -13.57 -9.99 -13.24
C GLY B 105 -13.61 -9.07 -14.45
N PHE B 106 -12.47 -8.46 -14.79
CA PHE B 106 -12.33 -7.55 -15.95
C PHE B 106 -10.99 -7.82 -16.64
N LEU B 107 -11.03 -8.05 -17.95
CA LEU B 107 -9.84 -7.99 -18.83
C LEU B 107 -9.78 -6.58 -19.42
N CYS B 108 -8.88 -5.74 -18.89
CA CYS B 108 -8.65 -4.34 -19.31
C CYS B 108 -7.53 -4.33 -20.36
N HIS B 109 -7.71 -3.56 -21.45
CA HIS B 109 -6.74 -3.42 -22.56
C HIS B 109 -6.64 -1.95 -22.96
N VAL B 110 -5.55 -1.28 -22.58
CA VAL B 110 -5.27 0.15 -22.89
C VAL B 110 -4.45 0.17 -24.18
N GLN B 111 -4.80 1.05 -25.12
CA GLN B 111 -4.20 1.16 -26.48
C GLN B 111 -3.70 2.60 -26.67
N CYS B 112 -2.50 2.76 -27.21
CA CYS B 112 -1.89 4.07 -27.55
C CYS B 112 -0.84 3.90 -28.66
N ASN B 113 -1.14 4.42 -29.85
CA ASN B 113 -0.24 4.36 -31.04
C ASN B 113 0.52 5.67 -31.16
N ALA B 114 1.82 5.59 -31.41
CA ALA B 114 2.71 6.72 -31.78
C ALA B 114 3.82 6.20 -32.69
N THR B 115 4.65 7.09 -33.23
CA THR B 115 5.74 6.76 -34.17
C THR B 115 6.97 6.27 -33.38
N LYS B 116 7.98 5.76 -34.10
CA LYS B 116 9.28 5.35 -33.53
C LYS B 116 10.09 6.59 -33.11
N PHE B 117 9.74 7.77 -33.63
CA PHE B 117 10.38 9.09 -33.33
C PHE B 117 9.79 9.72 -32.06
N HIS B 118 8.58 9.32 -31.64
CA HIS B 118 7.90 9.84 -30.43
C HIS B 118 8.45 9.17 -29.16
N GLN B 119 8.44 9.90 -28.05
CA GLN B 119 8.83 9.40 -26.70
C GLN B 119 7.71 9.71 -25.71
N GLY B 120 7.55 8.86 -24.69
CA GLY B 120 6.48 8.94 -23.67
C GLY B 120 6.28 7.60 -23.00
N THR B 121 5.83 7.62 -21.73
CA THR B 121 5.58 6.40 -20.92
C THR B 121 4.32 6.61 -20.08
N LEU B 122 3.40 5.63 -20.11
CA LEU B 122 2.18 5.59 -19.26
C LEU B 122 2.32 4.42 -18.28
N LEU B 123 2.02 4.65 -17.00
CA LEU B 123 1.74 3.56 -16.03
C LEU B 123 0.24 3.26 -16.07
N ILE B 124 -0.13 2.01 -16.35
CA ILE B 124 -1.54 1.52 -16.35
C ILE B 124 -1.70 0.68 -15.08
N VAL B 125 -2.42 1.21 -14.08
CA VAL B 125 -2.56 0.60 -12.72
C VAL B 125 -4.01 0.15 -12.52
N ALA B 126 -4.22 -1.10 -12.13
CA ALA B 126 -5.49 -1.61 -11.55
C ALA B 126 -5.37 -1.51 -10.03
N ILE B 127 -6.01 -0.49 -9.43
CA ILE B 127 -5.96 -0.23 -7.96
C ILE B 127 -7.25 -0.78 -7.36
N PRO B 128 -7.18 -1.73 -6.40
CA PRO B 128 -8.38 -2.21 -5.71
C PRO B 128 -8.83 -1.23 -4.62
N GLU B 129 -10.14 -1.00 -4.51
CA GLU B 129 -10.79 -0.16 -3.46
C GLU B 129 -10.09 1.21 -3.40
N HIS B 130 -9.83 1.82 -4.57
CA HIS B 130 -9.14 3.13 -4.68
C HIS B 130 -10.06 4.24 -4.15
N GLN B 131 -9.96 4.56 -2.86
CA GLN B 131 -10.72 5.67 -2.21
C GLN B 131 -10.02 6.99 -2.52
N ILE B 132 -10.63 7.83 -3.35
CA ILE B 132 -10.07 9.16 -3.79
C ILE B 132 -10.03 10.11 -2.59
N GLY B 133 -8.84 10.59 -2.25
CA GLY B 133 -8.62 11.71 -1.30
C GLY B 133 -8.53 13.03 -2.03
N LYS B 134 -9.20 14.07 -1.52
CA LYS B 134 -9.21 15.45 -2.09
C LYS B 134 -8.21 16.32 -1.33
N LYS B 135 -7.43 17.12 -2.06
CA LYS B 135 -6.40 18.05 -1.50
C LYS B 135 -7.10 19.31 -0.96
N GLY B 136 -6.71 19.75 0.24
CA GLY B 136 -7.05 21.07 0.81
C GLY B 136 -8.52 21.21 1.18
N THR B 137 -9.10 20.17 1.82
CA THR B 137 -10.50 20.18 2.35
C THR B 137 -10.74 18.93 3.20
N GLY B 138 -11.64 19.05 4.18
CA GLY B 138 -12.16 17.93 4.99
C GLY B 138 -13.34 17.24 4.33
N THR B 139 -14.11 17.97 3.52
CA THR B 139 -15.29 17.47 2.75
C THR B 139 -14.84 16.30 1.85
N SER B 140 -15.48 15.14 1.99
CA SER B 140 -15.24 13.94 1.15
C SER B 140 -15.80 14.17 -0.25
N ALA B 141 -15.25 13.47 -1.25
CA ALA B 141 -15.58 13.59 -2.69
C ALA B 141 -17.07 13.32 -2.90
N SER B 142 -17.74 14.16 -3.69
CA SER B 142 -19.19 14.06 -4.00
C SER B 142 -19.45 12.89 -4.95
N PHE B 143 -20.72 12.47 -5.06
CA PHE B 143 -21.19 11.38 -5.96
C PHE B 143 -20.75 11.68 -7.40
N ALA B 144 -20.92 12.93 -7.85
CA ALA B 144 -20.56 13.43 -9.19
C ALA B 144 -19.07 13.19 -9.46
N GLU B 145 -18.20 13.64 -8.54
CA GLU B 145 -16.72 13.56 -8.65
C GLU B 145 -16.27 12.09 -8.71
N VAL B 146 -16.98 11.19 -8.01
CA VAL B 146 -16.59 9.76 -7.81
C VAL B 146 -17.21 8.90 -8.91
N MET B 147 -18.48 9.15 -9.29
CA MET B 147 -19.24 8.32 -10.24
C MET B 147 -19.41 9.08 -11.56
N LYS B 148 -18.43 8.91 -12.48
CA LYS B 148 -18.38 9.59 -13.80
C LYS B 148 -18.66 8.60 -14.95
N GLY B 149 -18.82 7.31 -14.65
CA GLY B 149 -19.20 6.27 -15.63
C GLY B 149 -18.15 6.09 -16.72
N ALA B 150 -18.60 5.87 -17.96
CA ALA B 150 -17.76 5.51 -19.13
C ALA B 150 -16.81 6.65 -19.49
N GLU B 151 -17.17 7.91 -19.20
CA GLU B 151 -16.33 9.11 -19.47
C GLU B 151 -15.07 9.06 -18.58
N GLY B 152 -15.16 8.45 -17.40
CA GLY B 152 -14.05 8.33 -16.43
C GLY B 152 -13.72 9.68 -15.80
N GLY B 153 -12.65 9.73 -15.00
CA GLY B 153 -12.17 10.97 -14.32
C GLY B 153 -10.73 11.27 -14.64
N VAL B 154 -10.26 12.45 -14.24
CA VAL B 154 -8.88 12.97 -14.43
C VAL B 154 -8.19 13.04 -13.07
N PHE B 155 -6.88 12.84 -13.03
CA PHE B 155 -6.03 12.98 -11.82
C PHE B 155 -5.70 14.47 -11.62
N GLU B 156 -6.03 15.01 -10.43
CA GLU B 156 -5.63 16.37 -9.98
C GLU B 156 -4.21 16.27 -9.37
N GLN B 157 -3.96 15.23 -8.58
CA GLN B 157 -2.66 14.96 -7.90
C GLN B 157 -2.23 13.52 -8.21
N PRO B 158 -1.75 13.24 -9.45
CA PRO B 158 -1.30 11.89 -9.82
C PRO B 158 -0.09 11.41 -9.02
N TYR B 159 0.81 12.33 -8.69
CA TYR B 159 1.97 12.15 -7.77
C TYR B 159 1.52 11.45 -6.48
N LEU B 160 0.33 11.78 -5.96
CA LEU B 160 -0.21 11.23 -4.69
C LEU B 160 -1.29 10.16 -4.94
N LEU B 161 -1.43 9.68 -6.20
CA LEU B 161 -2.50 8.75 -6.66
C LEU B 161 -3.89 9.29 -6.29
N ASP B 162 -4.05 10.60 -6.09
CA ASP B 162 -5.29 11.23 -5.54
C ASP B 162 -5.74 10.47 -4.27
N ASP B 163 -4.81 10.03 -3.42
CA ASP B 163 -5.10 9.21 -2.20
C ASP B 163 -4.31 9.70 -0.98
N GLY B 164 -3.44 10.70 -1.12
CA GLY B 164 -2.40 11.03 -0.13
C GLY B 164 -1.35 9.94 -0.01
N THR B 165 -1.30 9.00 -0.98
CA THR B 165 -0.28 7.94 -1.12
C THR B 165 0.77 8.45 -2.13
N SER B 166 1.49 7.56 -2.82
CA SER B 166 2.54 7.91 -3.81
C SER B 166 2.34 7.14 -5.11
N LEU B 167 2.52 7.81 -6.25
CA LEU B 167 2.63 7.20 -7.61
C LEU B 167 3.83 6.24 -7.61
N ALA B 168 4.93 6.64 -6.98
CA ALA B 168 6.17 5.86 -6.80
C ALA B 168 5.86 4.42 -6.39
N CYS B 169 5.01 4.24 -5.37
CA CYS B 169 4.69 2.94 -4.72
C CYS B 169 3.42 2.30 -5.31
N ALA B 170 2.93 2.79 -6.45
CA ALA B 170 1.72 2.25 -7.15
C ALA B 170 2.02 0.91 -7.82
N LEU B 171 3.28 0.45 -7.81
CA LEU B 171 3.72 -0.79 -8.50
C LEU B 171 3.44 -2.02 -7.62
N VAL B 172 3.05 -1.85 -6.35
CA VAL B 172 2.37 -2.91 -5.53
C VAL B 172 1.17 -3.43 -6.33
N TYR B 173 0.39 -2.51 -6.91
CA TYR B 173 -0.88 -2.82 -7.61
C TYR B 173 -0.55 -3.51 -8.92
N PRO B 174 -1.43 -4.42 -9.41
CA PRO B 174 -1.30 -4.97 -10.76
C PRO B 174 -1.18 -3.82 -11.77
N HIS B 175 -0.12 -3.85 -12.59
CA HIS B 175 0.25 -2.73 -13.49
C HIS B 175 1.00 -3.25 -14.71
N GLN B 176 0.97 -2.47 -15.79
CA GLN B 176 1.90 -2.56 -16.95
C GLN B 176 2.32 -1.14 -17.31
N TRP B 177 3.25 -1.01 -18.26
CA TRP B 177 3.63 0.30 -18.86
C TRP B 177 3.36 0.25 -20.36
N ILE B 178 3.00 1.40 -20.94
CA ILE B 178 3.11 1.66 -22.41
C ILE B 178 4.28 2.62 -22.59
N ASN B 179 5.45 2.06 -22.92
CA ASN B 179 6.68 2.80 -23.31
C ASN B 179 6.77 2.76 -24.84
N LEU B 180 6.56 3.89 -25.50
CA LEU B 180 6.34 4.00 -26.97
C LEU B 180 7.53 3.39 -27.73
N ARG B 181 8.71 3.32 -27.09
CA ARG B 181 9.90 2.55 -27.59
C ARG B 181 9.54 1.07 -27.78
N THR B 182 8.93 0.47 -26.76
CA THR B 182 8.73 -1.01 -26.60
C THR B 182 7.29 -1.42 -26.92
N ASN B 183 6.30 -0.60 -26.54
CA ASN B 183 4.90 -1.05 -26.31
C ASN B 183 3.91 0.01 -26.81
N ASN B 184 2.83 -0.43 -27.47
CA ASN B 184 1.66 0.41 -27.87
C ASN B 184 0.39 -0.01 -27.10
N SER B 185 0.40 -1.13 -26.37
CA SER B 185 -0.79 -1.68 -25.68
C SER B 185 -0.39 -2.33 -24.35
N ALA B 186 -1.24 -2.19 -23.34
CA ALA B 186 -1.13 -2.86 -22.01
C ALA B 186 -2.39 -3.69 -21.77
N THR B 187 -2.24 -4.83 -21.07
CA THR B 187 -3.33 -5.80 -20.79
C THR B 187 -3.22 -6.28 -19.35
N ILE B 188 -4.25 -6.03 -18.53
CA ILE B 188 -4.33 -6.46 -17.11
C ILE B 188 -5.62 -7.28 -16.92
N VAL B 189 -5.47 -8.54 -16.49
CA VAL B 189 -6.60 -9.44 -16.13
C VAL B 189 -6.90 -9.22 -14.64
N LEU B 190 -8.10 -8.73 -14.32
CA LEU B 190 -8.54 -8.47 -12.93
C LEU B 190 -9.48 -9.61 -12.51
N PRO B 191 -9.22 -10.30 -11.37
CA PRO B 191 -10.21 -11.18 -10.76
C PRO B 191 -11.12 -10.40 -9.80
N TRP B 192 -12.15 -11.06 -9.29
CA TRP B 192 -13.08 -10.49 -8.26
C TRP B 192 -12.27 -10.09 -7.03
N MET B 193 -12.35 -8.81 -6.63
CA MET B 193 -11.66 -8.26 -5.44
C MET B 193 -12.69 -7.58 -4.52
N ASN B 194 -13.20 -8.33 -3.55
CA ASN B 194 -14.16 -7.84 -2.52
C ASN B 194 -14.10 -8.75 -1.31
N SER B 195 -14.28 -8.19 -0.11
CA SER B 195 -14.42 -8.93 1.17
C SER B 195 -15.69 -9.81 1.13
N ALA B 196 -16.68 -9.45 0.30
CA ALA B 196 -17.94 -10.20 0.07
C ALA B 196 -17.91 -10.90 -1.29
N PRO B 197 -18.69 -12.00 -1.50
CA PRO B 197 -18.68 -12.72 -2.78
C PRO B 197 -19.35 -11.95 -3.94
N MET B 198 -20.41 -11.20 -3.65
CA MET B 198 -21.08 -10.29 -4.64
C MET B 198 -21.23 -8.90 -3.99
N ASP B 199 -21.63 -7.90 -4.79
CA ASP B 199 -21.83 -6.50 -4.31
C ASP B 199 -22.90 -5.79 -5.15
N PHE B 200 -23.27 -4.56 -4.75
CA PHE B 200 -24.21 -3.66 -5.47
C PHE B 200 -23.40 -2.72 -6.35
N ALA B 201 -23.47 -2.92 -7.68
CA ALA B 201 -22.65 -2.22 -8.72
C ALA B 201 -22.81 -0.70 -8.63
N LEU B 202 -24.00 -0.20 -8.30
CA LEU B 202 -24.34 1.25 -8.40
C LEU B 202 -23.64 2.07 -7.30
N ARG B 203 -23.26 1.45 -6.17
CA ARG B 203 -22.80 2.17 -4.95
C ARG B 203 -21.40 1.71 -4.48
N HIS B 204 -20.71 0.83 -5.21
CA HIS B 204 -19.34 0.37 -4.87
C HIS B 204 -18.56 -0.09 -6.11
N ASN B 205 -17.31 0.34 -6.24
CA ASN B 205 -16.37 -0.02 -7.33
C ASN B 205 -15.23 -0.86 -6.74
N ASN B 206 -15.04 -2.08 -7.24
CA ASN B 206 -13.98 -3.02 -6.77
C ASN B 206 -12.61 -2.54 -7.26
N TRP B 207 -12.55 -2.08 -8.51
CA TRP B 207 -11.29 -1.71 -9.22
C TRP B 207 -11.35 -0.26 -9.69
N THR B 208 -10.17 0.35 -9.87
CA THR B 208 -9.95 1.63 -10.59
C THR B 208 -8.78 1.43 -11.55
N LEU B 209 -9.05 1.41 -12.86
CA LEU B 209 -8.01 1.41 -13.91
C LEU B 209 -7.54 2.86 -14.11
N ALA B 210 -6.26 3.13 -13.83
CA ALA B 210 -5.64 4.47 -13.90
C ALA B 210 -4.55 4.47 -14.98
N VAL B 211 -4.54 5.52 -15.82
CA VAL B 211 -3.50 5.74 -16.88
C VAL B 211 -2.81 7.07 -16.54
N ILE B 212 -1.58 7.00 -16.01
CA ILE B 212 -0.77 8.18 -15.58
C ILE B 212 0.44 8.30 -16.49
N PRO B 213 0.66 9.45 -17.17
CA PRO B 213 1.91 9.72 -17.87
C PRO B 213 3.05 10.02 -16.88
N VAL B 214 3.98 9.07 -16.72
CA VAL B 214 5.18 9.20 -15.85
C VAL B 214 6.24 10.00 -16.61
N CYS B 215 6.47 9.68 -17.89
CA CYS B 215 7.32 10.44 -18.84
C CYS B 215 6.43 11.09 -19.90
N PRO B 216 6.52 12.41 -20.17
CA PRO B 216 5.58 13.08 -21.05
C PRO B 216 5.72 12.69 -22.54
N LEU B 217 4.66 12.89 -23.31
CA LEU B 217 4.64 12.68 -24.80
C LEU B 217 5.43 13.81 -25.46
N ALA B 218 6.45 13.48 -26.25
CA ALA B 218 7.32 14.45 -26.96
C ALA B 218 7.75 13.92 -28.34
N GLY B 219 8.13 14.84 -29.22
CA GLY B 219 8.74 14.57 -30.55
C GLY B 219 9.79 15.62 -30.89
N GLY B 220 10.47 15.47 -32.03
CA GLY B 220 11.63 16.30 -32.44
C GLY B 220 11.36 17.10 -33.70
N THR B 221 11.09 18.41 -33.54
CA THR B 221 11.09 19.47 -34.60
C THR B 221 9.85 19.35 -35.52
N GLY B 222 9.48 18.14 -35.97
CA GLY B 222 8.32 17.90 -36.86
C GLY B 222 7.34 16.87 -36.31
N ASN B 223 7.52 16.41 -35.07
CA ASN B 223 6.64 15.40 -34.41
C ASN B 223 6.09 15.98 -33.09
N THR B 224 6.09 17.31 -32.94
CA THR B 224 5.49 18.03 -31.77
C THR B 224 4.01 18.28 -32.07
N ASN B 225 3.17 18.32 -31.02
CA ASN B 225 1.71 18.60 -31.09
C ASN B 225 1.01 17.51 -31.92
N THR B 226 1.57 16.30 -32.00
CA THR B 226 0.98 15.14 -32.70
C THR B 226 -0.27 14.68 -31.93
N TYR B 227 -1.36 14.40 -32.65
CA TYR B 227 -2.65 13.91 -32.07
C TYR B 227 -2.49 12.43 -31.72
N VAL B 228 -2.33 12.11 -30.43
CA VAL B 228 -2.12 10.74 -29.89
C VAL B 228 -3.23 10.46 -28.88
N PRO B 229 -4.32 9.74 -29.27
CA PRO B 229 -5.33 9.31 -28.31
C PRO B 229 -4.91 8.08 -27.48
N ILE B 230 -5.60 7.87 -26.37
CA ILE B 230 -5.49 6.66 -25.50
C ILE B 230 -6.88 6.01 -25.44
N THR B 231 -7.00 4.78 -25.96
CA THR B 231 -8.26 4.00 -26.04
C THR B 231 -8.23 2.90 -24.97
N ILE B 232 -9.33 2.71 -24.26
CA ILE B 232 -9.49 1.67 -23.20
C ILE B 232 -10.64 0.75 -23.62
N SER B 233 -10.36 -0.56 -23.67
CA SER B 233 -11.36 -1.63 -23.91
C SER B 233 -11.37 -2.56 -22.69
N ILE B 234 -12.54 -2.73 -22.09
CA ILE B 234 -12.73 -3.55 -20.85
C ILE B 234 -13.72 -4.67 -21.17
N ALA B 235 -13.34 -5.91 -20.88
CA ALA B 235 -14.19 -7.12 -21.03
C ALA B 235 -14.51 -7.68 -19.65
N PRO B 236 -15.78 -7.62 -19.19
CA PRO B 236 -16.23 -8.39 -18.04
C PRO B 236 -15.91 -9.88 -18.24
N MET B 237 -15.46 -10.57 -17.19
CA MET B 237 -15.09 -12.01 -17.23
C MET B 237 -15.80 -12.76 -16.10
N CYS B 238 -16.51 -13.83 -16.45
CA CYS B 238 -17.33 -14.68 -15.54
C CYS B 238 -18.31 -13.80 -14.77
N ALA B 239 -19.11 -13.00 -15.48
CA ALA B 239 -20.12 -12.09 -14.90
C ALA B 239 -21.29 -12.92 -14.34
N GLU B 240 -21.71 -12.62 -13.12
CA GLU B 240 -22.88 -13.22 -12.43
C GLU B 240 -23.77 -12.10 -11.90
N TYR B 241 -25.09 -12.34 -11.84
CA TYR B 241 -26.09 -11.38 -11.31
C TYR B 241 -27.12 -12.14 -10.48
N ASN B 242 -27.48 -11.58 -9.31
CA ASN B 242 -28.50 -12.12 -8.37
C ASN B 242 -29.43 -10.98 -7.96
N GLY B 243 -30.68 -11.30 -7.61
CA GLY B 243 -31.70 -10.33 -7.16
C GLY B 243 -32.41 -9.65 -8.32
N LEU B 244 -32.99 -10.45 -9.22
CA LEU B 244 -33.81 -9.97 -10.37
C LEU B 244 -34.95 -9.11 -9.81
N ARG B 245 -34.97 -7.82 -10.14
CA ARG B 245 -36.07 -6.86 -9.81
C ARG B 245 -36.33 -5.95 -11.01
N ASN B 246 -37.13 -4.90 -10.85
CA ASN B 246 -37.30 -3.80 -11.84
C ASN B 246 -35.94 -3.12 -12.07
N ALA B 247 -35.81 -2.34 -13.14
CA ALA B 247 -34.54 -1.65 -13.53
C ALA B 247 -34.38 -0.36 -12.72
N ILE B 248 -33.17 -0.11 -12.20
CA ILE B 248 -32.81 1.12 -11.44
C ILE B 248 -31.76 1.89 -12.24
N GLY C 1 -4.06 -24.68 48.60
CA GLY C 1 -4.18 -24.46 47.13
C GLY C 1 -2.86 -24.63 46.40
N VAL C 2 -2.85 -24.41 45.08
CA VAL C 2 -1.65 -24.37 44.20
C VAL C 2 -0.67 -23.35 44.79
N PRO C 3 0.58 -23.76 45.13
CA PRO C 3 1.56 -22.86 45.75
C PRO C 3 2.03 -21.85 44.70
N THR C 4 2.04 -20.56 45.06
CA THR C 4 2.10 -19.42 44.11
C THR C 4 3.06 -18.35 44.65
N CYS C 5 3.89 -17.79 43.77
CA CYS C 5 4.78 -16.62 44.01
C CYS C 5 4.70 -15.67 42.80
N LEU C 6 4.18 -14.46 42.99
CA LEU C 6 4.07 -13.41 41.93
C LEU C 6 5.48 -12.87 41.68
N LEU C 7 6.02 -13.00 40.46
CA LEU C 7 7.42 -12.64 40.10
C LEU C 7 7.48 -11.18 39.64
N PRO C 8 8.68 -10.59 39.46
CA PRO C 8 8.81 -9.33 38.72
C PRO C 8 8.28 -9.51 37.28
N GLY C 9 7.48 -8.55 36.81
CA GLY C 9 6.74 -8.63 35.53
C GLY C 9 5.28 -8.98 35.72
N SER C 10 4.87 -9.37 36.94
CA SER C 10 3.46 -9.51 37.37
C SER C 10 2.78 -8.13 37.33
N ASN C 11 1.53 -8.09 36.87
CA ASN C 11 0.65 -6.87 36.85
C ASN C 11 1.14 -5.86 35.79
N GLN C 12 2.05 -6.24 34.88
CA GLN C 12 2.61 -5.33 33.84
C GLN C 12 1.85 -5.58 32.52
N PHE C 13 1.66 -4.52 31.73
CA PHE C 13 1.16 -4.58 30.34
C PHE C 13 2.33 -4.31 29.40
N LEU C 14 2.80 -5.35 28.70
CA LEU C 14 3.83 -5.29 27.63
C LEU C 14 3.12 -5.35 26.28
N THR C 15 3.36 -4.36 25.41
CA THR C 15 2.64 -4.18 24.12
C THR C 15 3.06 -5.24 23.09
N THR C 16 4.11 -6.04 23.39
CA THR C 16 4.65 -7.11 22.52
C THR C 16 4.47 -8.50 23.15
N ASP C 17 3.60 -8.64 24.16
CA ASP C 17 3.36 -9.92 24.86
C ASP C 17 2.51 -10.84 23.97
N ASP C 18 2.64 -12.16 24.15
CA ASP C 18 1.92 -13.19 23.36
C ASP C 18 1.20 -14.15 24.32
N HIS C 19 -0.01 -13.79 24.74
CA HIS C 19 -0.88 -14.58 25.66
C HIS C 19 -2.32 -14.64 25.13
N SER C 20 -3.00 -15.76 25.35
CA SER C 20 -4.47 -15.90 25.16
C SER C 20 -5.20 -15.02 26.17
N SER C 21 -6.39 -14.52 25.82
CA SER C 21 -7.21 -13.60 26.65
C SER C 21 -8.68 -14.03 26.62
N ALA C 22 -9.49 -13.53 27.55
CA ALA C 22 -10.92 -13.85 27.73
C ALA C 22 -11.69 -13.47 26.46
N PRO C 23 -12.46 -14.39 25.84
CA PRO C 23 -13.31 -14.06 24.69
C PRO C 23 -14.57 -13.29 25.13
N ALA C 24 -14.77 -12.08 24.59
CA ALA C 24 -15.88 -11.16 24.93
C ALA C 24 -17.21 -11.69 24.38
N PHE C 25 -17.20 -12.27 23.18
CA PHE C 25 -18.40 -12.86 22.52
C PHE C 25 -18.28 -14.39 22.59
N PRO C 26 -18.69 -15.04 23.71
CA PRO C 26 -18.59 -16.50 23.83
C PRO C 26 -19.39 -17.24 22.74
N ASP C 27 -18.76 -18.26 22.15
CA ASP C 27 -19.35 -19.18 21.13
C ASP C 27 -19.72 -18.41 19.86
N PHE C 28 -19.12 -17.23 19.63
CA PHE C 28 -19.34 -16.39 18.43
C PHE C 28 -18.79 -17.13 17.20
N SER C 29 -19.61 -17.25 16.15
CA SER C 29 -19.25 -17.87 14.85
C SER C 29 -18.77 -16.77 13.89
N PRO C 30 -17.45 -16.61 13.65
CA PRO C 30 -16.96 -15.62 12.69
C PRO C 30 -17.35 -16.00 11.25
N THR C 31 -17.47 -15.00 10.38
CA THR C 31 -17.89 -15.14 8.95
C THR C 31 -17.00 -16.20 8.30
N PRO C 32 -17.55 -17.15 7.49
CA PRO C 32 -16.73 -18.14 6.81
C PRO C 32 -15.60 -17.51 5.98
N GLU C 33 -14.40 -18.11 6.01
CA GLU C 33 -13.23 -17.65 5.22
C GLU C 33 -13.57 -17.78 3.73
N MET C 34 -13.26 -16.73 2.95
CA MET C 34 -13.47 -16.67 1.49
C MET C 34 -12.14 -16.32 0.82
N HIS C 35 -11.82 -16.95 -0.32
CA HIS C 35 -10.56 -16.72 -1.07
C HIS C 35 -10.58 -15.29 -1.64
N ILE C 36 -9.54 -14.51 -1.31
CA ILE C 36 -9.27 -13.17 -1.92
C ILE C 36 -7.88 -13.24 -2.55
N PRO C 37 -7.69 -12.80 -3.81
CA PRO C 37 -6.37 -12.81 -4.43
C PRO C 37 -5.42 -11.75 -3.85
N GLY C 38 -4.11 -12.02 -3.91
CA GLY C 38 -3.04 -11.11 -3.47
C GLY C 38 -2.81 -11.18 -1.97
N GLN C 39 -2.89 -12.38 -1.37
CA GLN C 39 -2.68 -12.60 0.08
C GLN C 39 -1.18 -12.42 0.40
N VAL C 40 -0.87 -11.55 1.36
CA VAL C 40 0.51 -11.27 1.84
C VAL C 40 0.73 -12.03 3.16
N HIS C 41 1.78 -12.87 3.21
CA HIS C 41 2.21 -13.63 4.42
C HIS C 41 3.41 -12.95 5.09
N SER C 42 4.24 -12.22 4.33
CA SER C 42 5.49 -11.57 4.81
C SER C 42 5.64 -10.18 4.20
N MET C 43 6.19 -9.24 4.98
CA MET C 43 6.58 -7.88 4.52
C MET C 43 7.75 -7.97 3.53
N LEU C 44 8.53 -9.07 3.59
CA LEU C 44 9.67 -9.32 2.67
C LEU C 44 9.18 -9.56 1.23
N GLU C 45 7.90 -9.92 1.04
CA GLU C 45 7.27 -10.07 -0.30
C GLU C 45 7.06 -8.69 -0.95
N ILE C 46 6.79 -7.65 -0.15
CA ILE C 46 6.43 -6.29 -0.65
C ILE C 46 7.72 -5.54 -1.03
N VAL C 47 8.77 -5.63 -0.21
CA VAL C 47 10.10 -4.99 -0.46
C VAL C 47 10.75 -5.59 -1.72
N GLN C 48 10.34 -6.79 -2.15
CA GLN C 48 10.81 -7.45 -3.40
C GLN C 48 10.08 -6.87 -4.63
N ILE C 49 9.02 -6.07 -4.45
CA ILE C 49 8.28 -5.39 -5.57
C ILE C 49 9.01 -4.08 -5.88
N GLU C 50 9.33 -3.84 -7.16
CA GLU C 50 9.95 -2.58 -7.65
C GLU C 50 9.06 -1.38 -7.30
N SER C 51 9.68 -0.23 -7.02
CA SER C 51 9.03 1.06 -6.69
C SER C 51 9.92 2.20 -7.18
N MET C 52 9.33 3.26 -7.74
CA MET C 52 10.09 4.38 -8.36
C MET C 52 10.79 5.19 -7.25
N MET C 53 11.97 5.73 -7.56
CA MET C 53 12.82 6.57 -6.67
C MET C 53 12.70 8.02 -7.13
N GLU C 54 12.67 8.97 -6.19
CA GLU C 54 12.77 10.42 -6.49
C GLU C 54 14.25 10.78 -6.67
N ILE C 55 14.83 10.37 -7.80
CA ILE C 55 16.25 10.69 -8.16
C ILE C 55 16.32 12.22 -8.36
N ASN C 56 15.28 12.81 -8.95
CA ASN C 56 15.16 14.27 -9.22
C ASN C 56 14.42 14.96 -8.06
N ASN C 57 14.90 14.76 -6.82
CA ASN C 57 14.37 15.42 -5.60
C ASN C 57 15.06 16.78 -5.45
N VAL C 58 14.77 17.71 -6.37
CA VAL C 58 15.41 19.06 -6.46
C VAL C 58 14.32 20.14 -6.29
N ASN C 59 14.69 21.34 -5.85
CA ASN C 59 13.79 22.49 -5.60
C ASN C 59 13.50 23.23 -6.91
N ASP C 60 13.28 22.50 -8.01
CA ASP C 60 12.76 23.01 -9.30
C ASP C 60 11.79 22.00 -9.95
N ALA C 61 11.77 20.74 -9.50
CA ALA C 61 10.84 19.68 -9.97
C ALA C 61 9.64 19.58 -9.02
N SER C 62 8.43 19.47 -9.58
CA SER C 62 7.14 19.39 -8.85
C SER C 62 6.37 18.14 -9.29
N GLY C 63 5.96 17.31 -8.32
CA GLY C 63 5.08 16.15 -8.54
C GLY C 63 5.77 15.04 -9.33
N VAL C 64 5.28 14.75 -10.53
CA VAL C 64 5.70 13.59 -11.37
C VAL C 64 7.06 13.90 -12.01
N GLU C 65 7.46 15.18 -12.06
CA GLU C 65 8.80 15.63 -12.55
C GLU C 65 9.93 15.01 -11.71
N ARG C 66 9.65 14.67 -10.45
CA ARG C 66 10.67 14.23 -9.46
C ARG C 66 11.02 12.74 -9.65
N LEU C 67 10.18 11.98 -10.36
CA LEU C 67 10.31 10.51 -10.54
C LEU C 67 10.99 10.16 -11.87
N ARG C 68 11.41 11.15 -12.67
CA ARG C 68 12.09 10.95 -13.97
C ARG C 68 13.38 11.79 -14.01
N VAL C 69 14.43 11.26 -14.66
CA VAL C 69 15.77 11.90 -14.78
C VAL C 69 15.95 12.30 -16.25
N GLN C 70 16.07 13.61 -16.51
CA GLN C 70 16.26 14.16 -17.88
C GLN C 70 17.66 13.79 -18.38
N ILE C 71 17.74 12.85 -19.32
CA ILE C 71 18.99 12.43 -20.01
C ILE C 71 19.00 13.12 -21.38
N SER C 72 20.10 13.79 -21.73
CA SER C 72 20.28 14.57 -22.98
C SER C 72 21.55 14.15 -23.72
N ALA C 73 21.62 14.45 -25.02
CA ALA C 73 22.84 14.38 -25.84
C ALA C 73 23.85 15.39 -25.29
N GLN C 74 25.08 14.94 -25.04
CA GLN C 74 26.16 15.74 -24.40
C GLN C 74 27.13 16.23 -25.49
N SER C 75 27.58 17.49 -25.37
CA SER C 75 28.68 18.08 -26.17
C SER C 75 30.01 17.89 -25.41
N ASP C 76 30.20 16.68 -24.85
CA ASP C 76 31.29 16.30 -23.91
C ASP C 76 31.35 14.77 -23.87
N MET C 77 32.24 14.20 -23.04
CA MET C 77 32.40 12.72 -22.89
C MET C 77 32.71 12.36 -21.43
N ASP C 78 32.27 11.17 -21.01
CA ASP C 78 32.59 10.53 -19.70
C ASP C 78 31.89 11.24 -18.54
N GLN C 79 30.99 12.19 -18.80
CA GLN C 79 30.41 13.09 -17.78
C GLN C 79 29.40 12.34 -16.90
N LEU C 80 29.34 12.70 -15.61
CA LEU C 80 28.32 12.22 -14.64
C LEU C 80 26.97 12.85 -15.00
N LEU C 81 25.91 12.03 -14.97
CA LEU C 81 24.52 12.44 -15.34
C LEU C 81 23.70 12.68 -14.07
N PHE C 82 23.72 11.73 -13.12
CA PHE C 82 22.97 11.81 -11.85
C PHE C 82 23.60 10.91 -10.78
N ASN C 83 23.27 11.19 -9.52
CA ASN C 83 23.69 10.44 -8.30
C ASN C 83 22.44 9.89 -7.59
N ILE C 84 22.63 8.89 -6.74
CA ILE C 84 21.58 8.31 -5.85
C ILE C 84 22.19 8.07 -4.48
N PRO C 85 21.88 8.91 -3.45
CA PRO C 85 22.14 8.54 -2.05
C PRO C 85 21.40 7.25 -1.66
N LEU C 86 22.05 6.41 -0.84
CA LEU C 86 21.51 5.11 -0.36
C LEU C 86 21.26 5.17 1.15
N ASP C 87 20.91 6.36 1.68
CA ASP C 87 20.53 6.58 3.09
C ASP C 87 19.01 6.48 3.21
N ILE C 88 18.49 5.27 3.41
CA ILE C 88 17.04 4.97 3.54
C ILE C 88 16.46 5.77 4.71
N GLN C 89 17.18 5.83 5.84
CA GLN C 89 16.76 6.54 7.07
C GLN C 89 16.66 8.05 6.82
N LEU C 90 17.56 8.62 6.01
CA LEU C 90 17.57 10.08 5.71
C LEU C 90 16.68 10.37 4.50
N GLU C 91 16.25 11.63 4.38
CA GLU C 91 15.37 12.12 3.28
C GLU C 91 16.14 12.02 1.95
N GLY C 92 15.97 10.92 1.23
CA GLY C 92 16.63 10.65 -0.06
C GLY C 92 15.73 9.89 -1.03
N PRO C 93 16.16 9.70 -2.30
CA PRO C 93 15.33 9.05 -3.33
C PRO C 93 14.69 7.70 -2.94
N LEU C 94 15.32 6.93 -2.05
CA LEU C 94 14.88 5.58 -1.64
C LEU C 94 13.83 5.64 -0.52
N ARG C 95 13.65 6.78 0.17
CA ARG C 95 12.72 6.89 1.34
C ARG C 95 11.31 6.47 0.92
N ASN C 96 10.72 7.19 -0.05
CA ASN C 96 9.34 6.96 -0.52
C ASN C 96 9.34 5.83 -1.55
N THR C 97 9.80 4.64 -1.15
CA THR C 97 9.72 3.37 -1.90
C THR C 97 9.10 2.31 -0.99
N LEU C 98 8.67 1.19 -1.57
CA LEU C 98 8.14 0.02 -0.83
C LEU C 98 9.25 -0.52 0.07
N LEU C 99 10.47 -0.64 -0.47
CA LEU C 99 11.70 -0.93 0.30
C LEU C 99 11.80 0.08 1.46
N GLY C 100 11.86 1.37 1.12
CA GLY C 100 12.07 2.48 2.08
C GLY C 100 11.03 2.49 3.18
N ASN C 101 9.75 2.67 2.82
CA ASN C 101 8.62 2.86 3.76
C ASN C 101 8.53 1.68 4.74
N ILE C 102 8.64 0.44 4.25
CA ILE C 102 8.45 -0.80 5.06
C ILE C 102 9.73 -1.13 5.82
N SER C 103 10.92 -0.97 5.22
CA SER C 103 12.23 -1.14 5.91
C SER C 103 12.36 -0.09 7.02
N ARG C 104 11.80 1.11 6.79
CA ARG C 104 11.79 2.25 7.76
C ARG C 104 10.90 1.94 8.98
N TYR C 105 10.10 0.87 8.94
CA TYR C 105 9.37 0.33 10.12
C TYR C 105 10.30 -0.57 10.97
N TYR C 106 11.55 -0.78 10.54
CA TYR C 106 12.57 -1.60 11.23
C TYR C 106 13.83 -0.76 11.46
N THR C 107 14.75 -1.27 12.29
CA THR C 107 15.99 -0.57 12.72
C THR C 107 17.22 -1.21 12.04
N HIS C 108 17.27 -2.54 11.96
CA HIS C 108 18.37 -3.31 11.32
C HIS C 108 17.90 -3.87 9.97
N TRP C 109 18.83 -3.94 9.00
CA TRP C 109 18.57 -4.55 7.66
C TRP C 109 19.85 -5.19 7.12
N SER C 110 19.68 -6.26 6.35
CA SER C 110 20.76 -6.96 5.60
C SER C 110 20.21 -7.49 4.27
N GLY C 111 21.08 -7.59 3.26
CA GLY C 111 20.77 -8.20 1.96
C GLY C 111 21.10 -7.30 0.79
N SER C 112 21.15 -7.88 -0.40
CA SER C 112 21.43 -7.22 -1.69
C SER C 112 20.17 -6.49 -2.17
N LEU C 113 20.34 -5.32 -2.77
CA LEU C 113 19.26 -4.52 -3.42
C LEU C 113 19.44 -4.61 -4.94
N GLU C 114 18.32 -4.52 -5.67
CA GLU C 114 18.29 -4.36 -7.14
C GLU C 114 17.75 -2.97 -7.46
N MET C 115 18.40 -2.25 -8.38
CA MET C 115 17.90 -0.95 -8.90
C MET C 115 17.79 -1.06 -10.42
N THR C 116 16.57 -0.99 -10.94
CA THR C 116 16.23 -1.11 -12.39
C THR C 116 15.92 0.28 -12.95
N PHE C 117 16.55 0.62 -14.08
CA PHE C 117 16.36 1.91 -14.80
C PHE C 117 15.68 1.61 -16.13
N MET C 118 14.51 2.24 -16.36
CA MET C 118 13.76 2.17 -17.65
C MET C 118 14.08 3.43 -18.46
N PHE C 119 14.61 3.25 -19.67
CA PHE C 119 14.82 4.33 -20.67
C PHE C 119 13.50 4.58 -21.40
N CYS C 120 13.13 5.86 -21.53
CA CYS C 120 11.79 6.31 -21.99
C CYS C 120 11.93 7.34 -23.13
N GLY C 121 13.03 7.28 -23.89
CA GLY C 121 13.26 8.13 -25.07
C GLY C 121 12.50 7.60 -26.28
N SER C 122 13.06 7.76 -27.47
CA SER C 122 12.52 7.28 -28.76
C SER C 122 13.14 5.93 -29.12
N PHE C 123 12.41 5.10 -29.88
CA PHE C 123 12.92 3.84 -30.48
C PHE C 123 14.17 4.14 -31.31
N MET C 124 14.24 5.33 -31.95
CA MET C 124 15.35 5.76 -32.83
C MET C 124 16.52 6.30 -32.00
N THR C 125 16.31 6.71 -30.75
CA THR C 125 17.37 7.21 -29.83
C THR C 125 18.19 6.03 -29.29
N THR C 126 19.51 6.11 -29.40
CA THR C 126 20.48 5.10 -28.89
C THR C 126 21.32 5.73 -27.79
N GLY C 127 22.07 4.90 -27.04
CA GLY C 127 23.00 5.37 -26.00
C GLY C 127 23.60 4.23 -25.20
N LYS C 128 24.74 4.48 -24.57
CA LYS C 128 25.39 3.56 -23.60
C LYS C 128 25.68 4.36 -22.31
N LEU C 129 25.13 3.90 -21.19
CA LEU C 129 25.39 4.45 -19.83
C LEU C 129 26.19 3.41 -19.03
N ILE C 130 26.88 3.89 -17.98
CA ILE C 130 27.56 3.04 -16.97
C ILE C 130 27.05 3.49 -15.60
N ILE C 131 26.25 2.64 -14.94
CA ILE C 131 25.79 2.83 -13.53
C ILE C 131 26.74 2.02 -12.64
N CYS C 132 27.26 2.66 -11.59
CA CYS C 132 28.29 2.11 -10.68
C CYS C 132 27.82 2.21 -9.23
N TYR C 133 27.91 1.12 -8.47
CA TYR C 133 27.74 1.09 -6.99
C TYR C 133 29.13 1.11 -6.35
N THR C 134 29.50 2.23 -5.72
CA THR C 134 30.76 2.40 -4.94
C THR C 134 30.49 1.99 -3.50
N PRO C 135 31.10 0.90 -2.96
CA PRO C 135 31.02 0.61 -1.53
C PRO C 135 31.61 1.76 -0.72
N PRO C 136 31.28 1.91 0.58
CA PRO C 136 31.66 3.09 1.34
C PRO C 136 33.14 3.11 1.74
N GLY C 137 33.59 4.21 2.34
CA GLY C 137 34.99 4.41 2.77
C GLY C 137 35.47 5.83 2.51
N GLY C 138 35.23 6.34 1.31
CA GLY C 138 35.66 7.69 0.86
C GLY C 138 34.54 8.48 0.20
N SER C 139 34.90 9.44 -0.64
CA SER C 139 33.97 10.39 -1.32
C SER C 139 33.26 9.68 -2.49
N SER C 140 32.12 10.23 -2.91
CA SER C 140 31.35 9.77 -4.11
C SER C 140 32.15 10.11 -5.36
N PRO C 141 32.31 9.18 -6.33
CA PRO C 141 33.09 9.45 -7.54
C PRO C 141 32.45 10.52 -8.44
N THR C 142 33.27 11.40 -9.02
CA THR C 142 32.86 12.45 -10.00
C THR C 142 33.50 12.22 -11.37
N ASP C 143 34.48 11.32 -11.48
CA ASP C 143 35.14 10.90 -12.76
C ASP C 143 34.77 9.43 -13.03
N ARG C 144 34.55 9.08 -14.31
CA ARG C 144 34.18 7.71 -14.74
C ARG C 144 35.36 6.75 -14.48
N MET C 145 36.59 7.24 -14.61
CA MET C 145 37.83 6.45 -14.35
C MET C 145 37.83 5.91 -12.91
N GLN C 146 37.28 6.67 -11.96
CA GLN C 146 37.22 6.29 -10.52
C GLN C 146 36.02 5.36 -10.30
N ALA C 147 34.85 5.68 -10.86
CA ALA C 147 33.57 4.95 -10.67
C ALA C 147 33.69 3.53 -11.26
N MET C 148 34.30 3.38 -12.44
CA MET C 148 34.45 2.08 -13.16
C MET C 148 35.17 1.05 -12.28
N LEU C 149 35.99 1.50 -11.31
CA LEU C 149 36.78 0.61 -10.42
C LEU C 149 35.89 -0.11 -9.40
N ALA C 150 34.65 0.34 -9.20
CA ALA C 150 33.65 -0.27 -8.29
C ALA C 150 32.70 -1.18 -9.07
N THR C 151 31.77 -1.84 -8.38
CA THR C 151 30.68 -2.66 -8.96
C THR C 151 29.86 -1.79 -9.91
N HIS C 152 29.74 -2.18 -11.17
CA HIS C 152 29.04 -1.38 -12.23
C HIS C 152 28.43 -2.30 -13.29
N VAL C 153 27.52 -1.74 -14.09
CA VAL C 153 26.92 -2.37 -15.30
C VAL C 153 26.89 -1.32 -16.42
N VAL C 154 27.35 -1.69 -17.62
CA VAL C 154 27.27 -0.85 -18.85
C VAL C 154 25.93 -1.15 -19.53
N TRP C 155 25.14 -0.10 -19.79
CA TRP C 155 23.73 -0.19 -20.27
C TRP C 155 23.66 0.21 -21.75
N ASP C 156 23.36 -0.73 -22.64
CA ASP C 156 23.06 -0.48 -24.07
C ASP C 156 21.54 -0.42 -24.23
N PHE C 157 21.02 0.73 -24.69
CA PHE C 157 19.57 0.92 -25.02
C PHE C 157 19.24 0.03 -26.23
N GLY C 158 18.00 -0.46 -26.27
CA GLY C 158 17.50 -1.39 -27.30
C GLY C 158 16.13 -1.95 -26.94
N LEU C 159 15.80 -3.13 -27.47
CA LEU C 159 14.46 -3.76 -27.35
C LEU C 159 14.16 -4.01 -25.86
N GLN C 160 15.11 -4.56 -25.10
CA GLN C 160 15.03 -4.63 -23.62
C GLN C 160 15.24 -3.21 -23.09
N SER C 161 14.19 -2.56 -22.59
CA SER C 161 14.20 -1.11 -22.28
C SER C 161 14.86 -0.85 -20.93
N SER C 162 15.02 -1.85 -20.07
CA SER C 162 15.50 -1.64 -18.68
C SER C 162 16.78 -2.44 -18.41
N ILE C 163 17.56 -1.96 -17.45
CA ILE C 163 18.81 -2.60 -16.93
C ILE C 163 18.64 -2.73 -15.42
N THR C 164 19.15 -3.81 -14.82
CA THR C 164 19.28 -3.92 -13.34
C THR C 164 20.76 -3.80 -12.96
N ILE C 165 21.04 -3.03 -11.91
CA ILE C 165 22.32 -3.09 -11.15
C ILE C 165 21.99 -3.70 -9.78
N ILE C 166 22.60 -4.84 -9.46
CA ILE C 166 22.54 -5.46 -8.10
C ILE C 166 23.52 -4.68 -7.22
N ILE C 167 23.00 -3.95 -6.22
CA ILE C 167 23.80 -3.38 -5.10
C ILE C 167 24.06 -4.54 -4.14
N PRO C 168 25.23 -5.22 -4.21
CA PRO C 168 25.43 -6.48 -3.48
C PRO C 168 25.68 -6.19 -2.00
N TRP C 169 25.29 -7.11 -1.12
CA TRP C 169 25.53 -7.00 0.34
C TRP C 169 27.04 -7.06 0.61
N ILE C 170 27.67 -5.89 0.77
CA ILE C 170 29.13 -5.73 1.07
C ILE C 170 29.24 -4.90 2.35
N SER C 171 29.32 -5.58 3.51
CA SER C 171 29.46 -4.98 4.86
C SER C 171 30.23 -5.93 5.77
N GLY C 172 31.00 -5.38 6.72
CA GLY C 172 31.70 -6.15 7.78
C GLY C 172 30.70 -6.82 8.70
N SER C 173 29.68 -6.08 9.15
CA SER C 173 28.61 -6.55 10.07
C SER C 173 27.55 -7.32 9.28
N HIS C 174 26.88 -8.28 9.95
CA HIS C 174 25.75 -9.08 9.40
C HIS C 174 24.57 -8.16 9.06
N TYR C 175 24.43 -7.03 9.74
CA TYR C 175 23.31 -6.06 9.56
C TYR C 175 23.84 -4.62 9.53
N ARG C 176 23.13 -3.74 8.83
CA ARG C 176 23.30 -2.27 8.90
C ARG C 176 22.11 -1.67 9.66
N MET C 177 22.28 -0.46 10.21
CA MET C 177 21.26 0.24 11.03
C MET C 177 20.71 1.42 10.23
N PHE C 178 19.38 1.65 10.31
CA PHE C 178 18.70 2.85 9.79
C PHE C 178 18.91 3.98 10.80
N ASN C 179 20.12 4.56 10.79
CA ASN C 179 20.62 5.55 11.77
C ASN C 179 20.53 6.97 11.17
N THR C 180 20.29 7.97 12.03
CA THR C 180 20.19 9.41 11.67
C THR C 180 21.56 9.94 11.23
N ASP C 181 22.66 9.36 11.73
CA ASP C 181 24.05 9.66 11.27
C ASP C 181 24.31 8.87 9.99
N ALA C 182 24.24 9.51 8.83
CA ALA C 182 24.48 8.93 7.48
C ALA C 182 25.93 8.46 7.38
N LYS C 183 26.89 9.25 7.91
CA LYS C 183 28.35 9.01 7.78
C LYS C 183 28.83 7.92 8.75
N ALA C 184 27.92 7.28 9.51
CA ALA C 184 28.23 6.17 10.44
C ALA C 184 28.57 4.91 9.65
N ILE C 185 29.57 4.14 10.14
CA ILE C 185 30.02 2.83 9.57
C ILE C 185 28.84 1.84 9.64
N ASN C 186 28.01 1.92 10.68
CA ASN C 186 26.85 1.01 10.89
C ASN C 186 25.77 1.23 9.82
N ALA C 187 25.67 2.43 9.25
CA ALA C 187 24.53 2.88 8.41
C ALA C 187 24.92 2.98 6.93
N ASN C 188 26.12 3.48 6.61
CA ASN C 188 26.50 3.87 5.22
C ASN C 188 26.54 2.62 4.33
N VAL C 189 25.91 2.71 3.15
CA VAL C 189 25.86 1.65 2.10
C VAL C 189 26.86 1.99 1.00
N GLY C 190 27.18 3.27 0.82
CA GLY C 190 28.06 3.78 -0.26
C GLY C 190 27.29 4.66 -1.22
N TYR C 191 27.60 4.58 -2.51
CA TYR C 191 27.10 5.50 -3.56
C TYR C 191 26.67 4.70 -4.81
N VAL C 192 25.64 5.18 -5.49
CA VAL C 192 25.30 4.80 -6.89
C VAL C 192 25.44 6.05 -7.75
N THR C 193 26.20 5.93 -8.85
CA THR C 193 26.51 7.02 -9.81
C THR C 193 26.29 6.49 -11.23
N CYS C 194 25.79 7.33 -12.13
CA CYS C 194 25.56 7.01 -13.57
C CYS C 194 26.36 8.00 -14.44
N PHE C 195 27.22 7.48 -15.31
CA PHE C 195 28.01 8.27 -16.28
C PHE C 195 27.63 7.87 -17.71
N MET C 196 27.92 8.74 -18.67
CA MET C 196 27.85 8.42 -20.13
C MET C 196 28.99 7.48 -20.49
N GLN C 197 28.68 6.31 -21.06
CA GLN C 197 29.69 5.36 -21.58
C GLN C 197 30.13 5.85 -22.96
N THR C 198 29.19 6.15 -23.85
CA THR C 198 29.42 6.78 -25.17
C THR C 198 28.75 8.16 -25.19
N ASN C 199 27.44 8.21 -25.44
CA ASN C 199 26.61 9.45 -25.51
C ASN C 199 25.16 9.03 -25.76
N LEU C 200 24.20 9.96 -25.67
CA LEU C 200 22.83 9.80 -26.23
C LEU C 200 22.81 10.37 -27.65
N VAL C 201 22.41 9.55 -28.63
CA VAL C 201 22.34 9.91 -30.08
C VAL C 201 20.88 9.77 -30.53
N ALA C 202 20.24 10.87 -30.91
CA ALA C 202 18.84 10.93 -31.40
C ALA C 202 18.83 11.61 -32.78
N PRO C 203 18.15 11.04 -33.80
CA PRO C 203 18.00 11.72 -35.09
C PRO C 203 17.04 12.92 -35.00
N VAL C 204 17.22 13.89 -35.91
CA VAL C 204 16.50 15.21 -35.93
C VAL C 204 15.02 15.03 -35.60
N GLY C 205 14.36 14.02 -36.18
CA GLY C 205 12.91 13.73 -36.00
C GLY C 205 12.54 13.42 -34.56
N ALA C 206 13.50 12.95 -33.75
CA ALA C 206 13.31 12.55 -32.32
C ALA C 206 13.82 13.66 -31.39
N ALA C 207 13.18 13.80 -30.22
CA ALA C 207 13.56 14.77 -29.15
C ALA C 207 14.96 14.42 -28.64
N ASP C 208 15.77 15.44 -28.34
CA ASP C 208 17.16 15.31 -27.83
C ASP C 208 17.13 15.05 -26.31
N GLN C 209 16.16 15.65 -25.60
CA GLN C 209 16.01 15.55 -24.12
C GLN C 209 15.04 14.40 -23.81
N CYS C 210 15.59 13.22 -23.47
CA CYS C 210 14.82 12.00 -23.07
C CYS C 210 14.73 11.94 -21.54
N TYR C 211 14.17 10.85 -20.99
CA TYR C 211 14.00 10.64 -19.53
C TYR C 211 14.37 9.21 -19.16
N ILE C 212 14.88 9.02 -17.94
CA ILE C 212 15.11 7.71 -17.29
C ILE C 212 14.29 7.67 -16.00
N VAL C 213 13.58 6.57 -15.77
CA VAL C 213 12.85 6.27 -14.51
C VAL C 213 13.61 5.17 -13.76
N GLY C 214 13.98 5.44 -12.51
CA GLY C 214 14.70 4.49 -11.63
C GLY C 214 13.75 3.80 -10.67
N MET C 215 13.82 2.47 -10.59
CA MET C 215 13.07 1.63 -9.62
C MET C 215 14.07 0.92 -8.72
N VAL C 216 13.69 0.64 -7.47
CA VAL C 216 14.52 -0.09 -6.47
C VAL C 216 13.65 -1.15 -5.79
N ALA C 217 14.19 -2.35 -5.59
CA ALA C 217 13.57 -3.45 -4.82
C ALA C 217 14.65 -4.21 -4.04
N ALA C 218 14.22 -5.04 -3.10
CA ALA C 218 15.08 -5.98 -2.34
C ALA C 218 15.14 -7.32 -3.09
N LYS C 219 16.22 -8.08 -2.90
CA LYS C 219 16.36 -9.47 -3.43
C LYS C 219 15.94 -10.46 -2.35
N LYS C 220 15.96 -11.76 -2.65
CA LYS C 220 15.48 -12.85 -1.75
C LYS C 220 16.42 -13.01 -0.54
N ASP C 221 17.63 -12.42 -0.57
CA ASP C 221 18.62 -12.46 0.54
C ASP C 221 18.43 -11.27 1.50
N PHE C 222 17.25 -10.66 1.54
CA PHE C 222 16.96 -9.40 2.28
C PHE C 222 16.24 -9.72 3.60
N ASN C 223 16.63 -9.01 4.67
CA ASN C 223 16.14 -9.23 6.06
C ASN C 223 15.95 -7.88 6.76
N LEU C 224 14.97 -7.79 7.66
CA LEU C 224 14.72 -6.61 8.54
C LEU C 224 14.53 -7.10 9.98
N ARG C 225 14.96 -6.32 10.97
CA ARG C 225 14.78 -6.64 12.42
C ARG C 225 14.52 -5.38 13.24
N LEU C 226 14.11 -5.61 14.50
CA LEU C 226 13.90 -4.58 15.55
C LEU C 226 12.87 -3.54 15.06
N MET C 227 11.61 -3.98 14.95
CA MET C 227 10.44 -3.15 14.56
C MET C 227 10.42 -1.86 15.40
N ARG C 228 9.95 -0.76 14.79
CA ARG C 228 9.82 0.57 15.43
C ARG C 228 8.68 1.35 14.77
N ASP C 229 8.17 2.38 15.46
CA ASP C 229 7.22 3.38 14.90
C ASP C 229 7.93 4.15 13.78
N SER C 230 7.37 4.14 12.57
CA SER C 230 7.95 4.82 11.37
C SER C 230 7.96 6.33 11.61
N PRO C 231 9.05 7.05 11.27
CA PRO C 231 9.07 8.51 11.33
C PRO C 231 8.37 9.20 10.13
N ASP C 232 7.87 8.41 9.18
CA ASP C 232 7.13 8.90 7.97
C ASP C 232 5.86 9.65 8.37
N ILE C 233 5.19 9.23 9.45
CA ILE C 233 3.85 9.74 9.88
C ILE C 233 3.98 10.35 11.28
N GLY C 234 3.33 11.49 11.50
CA GLY C 234 3.32 12.25 12.78
C GLY C 234 1.89 12.62 13.18
N GLN C 235 1.72 13.08 14.42
CA GLN C 235 0.40 13.40 15.02
C GLN C 235 0.58 14.40 16.17
N SER C 236 -0.16 15.52 16.13
CA SER C 236 -0.15 16.61 17.15
C SER C 236 -1.40 16.55 18.05
N ALA C 237 -2.40 15.75 17.68
CA ALA C 237 -3.71 15.65 18.38
C ALA C 237 -4.49 14.42 17.89
N ILE C 238 -5.48 13.98 18.66
CA ILE C 238 -6.47 12.94 18.24
C ILE C 238 -7.15 13.46 16.97
N LEU C 239 -7.14 12.66 15.89
CA LEU C 239 -7.77 13.03 14.60
C LEU C 239 -9.28 13.15 14.80
N PRO C 240 -9.88 14.33 14.52
CA PRO C 240 -11.32 14.53 14.72
C PRO C 240 -12.17 13.86 13.63
N GLU C 241 -13.50 13.89 13.78
CA GLU C 241 -14.47 13.38 12.78
C GLU C 241 -14.41 14.26 11.52
N GLN C 242 -14.46 15.58 11.70
CA GLN C 242 -14.45 16.60 10.60
C GLN C 242 -13.12 17.37 10.63
N ALA C 243 -12.87 18.12 11.71
CA ALA C 243 -11.71 19.02 11.89
C ALA C 243 -11.71 19.61 13.31
N GLN D 28 1.20 -21.70 19.98
CA GLN D 28 -0.16 -21.39 20.52
C GLN D 28 -0.44 -22.29 21.73
N ILE D 29 -1.31 -21.85 22.65
CA ILE D 29 -1.66 -22.57 23.92
C ILE D 29 -3.19 -22.56 24.10
N ASN D 30 -3.75 -21.40 24.45
CA ASN D 30 -5.21 -21.13 24.61
C ASN D 30 -5.77 -21.84 25.86
N PHE D 31 -6.10 -21.07 26.90
CA PHE D 31 -6.73 -21.55 28.15
C PHE D 31 -8.26 -21.41 28.10
N TYR D 32 -8.82 -20.87 27.02
CA TYR D 32 -10.27 -20.54 26.87
C TYR D 32 -10.93 -21.47 25.85
N LYS D 33 -12.27 -21.51 25.86
CA LYS D 33 -13.09 -22.45 25.06
C LYS D 33 -12.97 -22.12 23.57
N ASP D 34 -13.18 -20.86 23.20
CA ASP D 34 -13.14 -20.38 21.79
C ASP D 34 -11.71 -20.47 21.26
N SER D 35 -11.55 -20.76 19.96
CA SER D 35 -10.25 -20.89 19.26
C SER D 35 -9.68 -19.53 18.90
N TYR D 36 -10.54 -18.50 18.74
CA TYR D 36 -10.15 -17.12 18.37
C TYR D 36 -9.54 -16.39 19.56
N ALA D 37 -9.74 -16.89 20.79
CA ALA D 37 -9.18 -16.36 22.04
C ALA D 37 -7.70 -16.73 22.20
N ALA D 38 -7.21 -17.70 21.42
CA ALA D 38 -5.81 -18.22 21.44
C ALA D 38 -4.81 -17.09 21.17
N SER D 39 -3.52 -17.33 21.46
CA SER D 39 -2.41 -16.34 21.33
C SER D 39 -2.02 -16.21 19.85
N ALA D 40 -0.93 -15.52 19.52
CA ALA D 40 -0.44 -15.34 18.12
C ALA D 40 -0.30 -16.72 17.47
N SER D 41 -0.81 -16.88 16.24
CA SER D 41 -0.88 -18.17 15.49
C SER D 41 0.53 -18.65 15.11
N LYS D 42 0.68 -19.97 14.99
CA LYS D 42 1.97 -20.65 14.72
C LYS D 42 2.54 -20.13 13.39
N GLN D 43 3.80 -19.71 13.40
CA GLN D 43 4.46 -18.94 12.31
C GLN D 43 4.24 -19.68 10.98
N ASP D 44 3.62 -19.01 10.01
CA ASP D 44 3.47 -19.50 8.62
C ASP D 44 4.54 -18.82 7.77
N PHE D 45 5.57 -19.56 7.36
CA PHE D 45 6.75 -19.04 6.63
C PHE D 45 6.57 -19.20 5.12
N SER D 46 5.37 -19.56 4.65
CA SER D 46 5.03 -19.65 3.20
C SER D 46 5.18 -18.26 2.56
N GLN D 47 5.92 -18.17 1.45
CA GLN D 47 6.09 -16.94 0.65
C GLN D 47 5.85 -17.26 -0.82
N ASP D 48 5.08 -16.41 -1.51
CA ASP D 48 4.84 -16.47 -2.98
C ASP D 48 4.90 -15.04 -3.50
N PRO D 49 6.10 -14.41 -3.56
CA PRO D 49 6.22 -13.04 -4.05
C PRO D 49 5.92 -12.88 -5.55
N SER D 50 5.92 -13.99 -6.30
CA SER D 50 5.57 -14.04 -7.76
C SER D 50 4.19 -13.43 -8.00
N LYS D 51 3.24 -13.60 -7.06
CA LYS D 51 1.91 -12.91 -7.06
C LYS D 51 2.08 -11.43 -7.43
N PHE D 52 3.12 -10.78 -6.89
CA PHE D 52 3.36 -9.32 -7.03
C PHE D 52 4.58 -9.01 -7.91
N THR D 53 5.59 -9.89 -7.97
CA THR D 53 6.90 -9.62 -8.64
C THR D 53 6.88 -10.14 -10.08
N GLU D 54 6.22 -11.27 -10.37
CA GLU D 54 6.09 -11.82 -11.74
C GLU D 54 4.65 -12.30 -11.97
N PRO D 55 3.64 -11.40 -11.93
CA PRO D 55 2.25 -11.77 -12.19
C PRO D 55 1.91 -11.78 -13.69
N VAL D 56 2.71 -12.47 -14.49
CA VAL D 56 2.61 -12.49 -15.99
C VAL D 56 2.12 -13.87 -16.43
N ALA D 57 1.24 -13.90 -17.44
CA ALA D 57 0.62 -15.13 -18.01
C ALA D 57 1.72 -16.12 -18.40
N GLU D 58 2.62 -15.70 -19.29
CA GLU D 58 3.81 -16.47 -19.72
C GLU D 58 4.98 -16.14 -18.79
N ALA D 59 5.47 -17.12 -18.03
CA ALA D 59 6.53 -16.96 -17.01
C ALA D 59 7.82 -16.45 -17.66
N LEU D 60 8.55 -15.59 -16.96
CA LEU D 60 9.83 -15.04 -17.45
C LEU D 60 10.92 -16.06 -17.07
N LYS D 61 11.76 -16.46 -18.02
CA LYS D 61 12.88 -17.40 -17.77
C LYS D 61 14.10 -16.55 -17.41
N ALA D 62 14.84 -16.95 -16.37
CA ALA D 62 16.05 -16.25 -15.88
C ALA D 62 17.14 -16.29 -16.97
N GLY D 63 17.73 -15.14 -17.30
CA GLY D 63 18.80 -14.99 -18.31
C GLY D 63 18.26 -14.76 -19.72
N ALA D 64 16.98 -15.05 -19.96
CA ALA D 64 16.32 -15.02 -21.29
C ALA D 64 15.93 -13.59 -21.64
N PRO D 65 15.96 -13.16 -22.93
CA PRO D 65 15.43 -11.85 -23.30
C PRO D 65 13.91 -11.95 -23.11
N VAL D 66 13.36 -11.17 -22.17
CA VAL D 66 11.89 -11.11 -21.86
C VAL D 66 11.32 -9.92 -22.63
N LEU D 67 10.71 -10.15 -23.79
CA LEU D 67 10.38 -9.05 -24.74
C LEU D 67 8.90 -8.70 -24.60
#